data_6QHD
#
_entry.id   6QHD
#
_cell.length_a   175.491
_cell.length_b   175.491
_cell.length_c   79.078
_cell.angle_alpha   90.00
_cell.angle_beta   90.00
_cell.angle_gamma   90.00
#
_symmetry.space_group_name_H-M   'P 41'
#
loop_
_entity.id
_entity.type
_entity.pdbx_description
1 polymer 'Signal transducer and activator of transcription 3'
2 polymer "DNA (5'-D(*AP*AP*GP*AP*TP*TP*TP*AP*CP*GP*GP*GP*AP*AP*AP*TP*GP*C)-3')"
3 polymer "DNA (5'-D(*TP*GP*CP*AP*TP*TP*TP*CP*CP*CP*GP*TP*AP*AP*AP*TP*CP*T)-3')"
4 water water
#
loop_
_entity_poly.entity_id
_entity_poly.type
_entity_poly.pdbx_seq_one_letter_code
_entity_poly.pdbx_strand_id
1 'polypeptide(L)'
;GQANHPTAAVVTEKQQMLEQHLQDVRKRVQDLEQKMKVVENLQDDFDFNYKTLKSQGDMQDLNGNNQSVTRQKMQQLEQM
LTALDQMRRSIVSELAGLLSAMEYVQKTLTDEELADWKRRQQIACIGGPPNICLDRLENWITSLAESQLQTRQQIKKLEE
LQQKVSYKGDPIVQHRPMLEERIVELFRNLMKSAFVVERQPCMPMHPDRPLVIKTGVQFTTKVRLLVKFPELNYQLKIKV
CIDKDSGDVAALRGSRKFNILGTNTKVMNMEESNNGSLSAEFKHLTLREQRCGNGGRANCDASLIVTEELHLITFETEVY
HQGLKIDLETHSLPVVVISNICQMPNAWASILWYNMLTNNPKNVNFFTKPPIGTWDQVAEVLSWQFSSTTKRGLSIEQLT
TLAEKLLGPGVNYSGCQITWAKFCKENMAGKGFSFWVWLDNIIDLVKKYILALWNEGYIMGFISKERERAILSTKPPGTF
LLRFSESSKEGGVTFTWVEKDISGSTQIQSVEPYTKQQLNNMSFAEIIMGYKIMDATNILVSPLVYLYPDIPKEEAFG
(ALY)YCRPESQEHPEADPGSAAP(PTR)LKTKFICVTPFIDAVWK
;
A,B
2 'polydeoxyribonucleotide' (DA)(DA)(DG)(DA)(DT)(DT)(DT)(DA)(DC)(DG)(DG)(DG)(DA)(DA)(DA)(DT)(DG)(DC) C
3 'polydeoxyribonucleotide' (DT)(DG)(DC)(DA)(DT)(DT)(DT)(DC)(DC)(DC)(DG)(DT)(DA)(DA)(DA)(DT)(DC)(DT) D
#
loop_
_chem_comp.id
_chem_comp.type
_chem_comp.name
_chem_comp.formula
DA DNA linking 2'-DEOXYADENOSINE-5'-MONOPHOSPHATE 'C10 H14 N5 O6 P'
DC DNA linking 2'-DEOXYCYTIDINE-5'-MONOPHOSPHATE 'C9 H14 N3 O7 P'
DG DNA linking 2'-DEOXYGUANOSINE-5'-MONOPHOSPHATE 'C10 H14 N5 O7 P'
DT DNA linking THYMIDINE-5'-MONOPHOSPHATE 'C10 H15 N2 O8 P'
#
# COMPACT_ATOMS: atom_id res chain seq x y z
N VAL A 10 1.70 -42.53 -18.87
CA VAL A 10 2.94 -41.80 -19.32
C VAL A 10 4.21 -42.45 -18.72
N VAL A 11 4.18 -43.78 -18.57
CA VAL A 11 5.22 -44.53 -17.86
C VAL A 11 6.37 -44.77 -18.88
N THR A 12 7.59 -45.01 -18.42
CA THR A 12 8.77 -45.20 -19.31
C THR A 12 9.42 -46.52 -18.98
N GLU A 13 10.31 -46.97 -19.87
CA GLU A 13 11.03 -48.26 -19.73
C GLU A 13 11.74 -48.30 -18.40
N LYS A 14 12.47 -47.23 -18.13
CA LYS A 14 13.35 -47.17 -17.01
C LYS A 14 12.62 -47.06 -15.68
N GLN A 15 11.45 -46.45 -15.75
CA GLN A 15 10.61 -46.22 -14.60
C GLN A 15 10.03 -47.54 -14.18
N GLN A 16 9.67 -48.33 -15.16
CA GLN A 16 9.15 -49.67 -14.89
C GLN A 16 10.21 -50.56 -14.25
N MET A 17 11.47 -50.47 -14.67
CA MET A 17 12.55 -51.20 -13.97
CA MET A 17 12.55 -51.20 -13.98
C MET A 17 12.77 -50.72 -12.51
N LEU A 18 12.75 -49.41 -12.30
CA LEU A 18 12.91 -48.81 -10.97
C LEU A 18 11.85 -49.32 -10.01
N GLU A 19 10.61 -49.31 -10.47
CA GLU A 19 9.55 -49.86 -9.70
C GLU A 19 9.78 -51.36 -9.44
N GLN A 20 10.23 -52.09 -10.47
CA GLN A 20 10.62 -53.50 -10.32
C GLN A 20 11.75 -53.66 -9.29
N HIS A 21 12.78 -52.84 -9.35
CA HIS A 21 13.89 -53.00 -8.41
C HIS A 21 13.46 -52.64 -7.02
N LEU A 22 12.52 -51.74 -6.91
CA LEU A 22 12.06 -51.41 -5.60
C LEU A 22 11.22 -52.54 -4.97
N GLN A 23 10.43 -53.27 -5.76
CA GLN A 23 9.65 -54.40 -5.21
C GLN A 23 10.59 -55.51 -4.84
N ASP A 24 11.69 -55.60 -5.59
CA ASP A 24 12.76 -56.52 -5.26
C ASP A 24 13.40 -56.30 -3.92
N VAL A 25 13.72 -55.05 -3.65
CA VAL A 25 14.35 -54.65 -2.41
C VAL A 25 13.42 -54.95 -1.25
N ARG A 26 12.13 -54.91 -1.51
CA ARG A 26 11.18 -55.13 -0.48
C ARG A 26 11.18 -56.62 -0.19
N LYS A 27 11.26 -57.42 -1.27
CA LYS A 27 11.31 -58.88 -1.20
C LYS A 27 12.51 -59.35 -0.39
N ARG A 28 13.66 -58.79 -0.67
CA ARG A 28 14.82 -59.15 0.09
C ARG A 28 14.78 -58.79 1.57
N VAL A 29 14.14 -57.69 1.91
CA VAL A 29 14.04 -57.27 3.30
C VAL A 29 13.09 -58.26 3.96
N GLN A 30 12.05 -58.64 3.24
CA GLN A 30 11.12 -59.65 3.73
C GLN A 30 11.76 -60.99 3.92
N ASP A 31 12.48 -61.49 2.91
CA ASP A 31 13.22 -62.76 3.01
C ASP A 31 14.20 -62.79 4.16
N LEU A 32 14.87 -61.66 4.37
CA LEU A 32 15.81 -61.51 5.45
C LEU A 32 15.20 -61.45 6.78
N GLU A 33 13.97 -60.99 6.85
CA GLU A 33 13.29 -60.85 8.11
C GLU A 33 13.05 -62.23 8.64
N GLN A 34 12.65 -63.09 7.73
CA GLN A 34 12.30 -64.46 8.01
C GLN A 34 13.56 -65.21 8.50
N LYS A 35 14.68 -64.94 7.85
CA LYS A 35 15.96 -65.51 8.23
C LYS A 35 16.36 -65.11 9.63
N MET A 36 16.02 -63.89 10.03
CA MET A 36 16.29 -63.41 11.38
C MET A 36 15.45 -64.08 12.43
N LYS A 37 14.23 -64.46 12.07
CA LYS A 37 13.41 -65.15 13.03
C LYS A 37 13.94 -66.54 13.28
N VAL A 38 14.44 -67.17 12.21
CA VAL A 38 14.96 -68.53 12.30
C VAL A 38 16.21 -68.55 13.14
N VAL A 39 17.07 -67.54 12.96
CA VAL A 39 18.35 -67.50 13.63
C VAL A 39 18.13 -67.17 15.10
N GLU A 40 17.18 -66.30 15.34
CA GLU A 40 16.88 -65.94 16.70
C GLU A 40 16.19 -67.10 17.44
N ASN A 41 15.33 -67.88 16.82
CA ASN A 41 14.79 -69.00 17.54
C ASN A 41 15.82 -70.03 17.86
N LEU A 42 16.68 -70.30 16.91
CA LEU A 42 17.73 -71.27 17.12
C LEU A 42 18.67 -70.82 18.21
N GLN A 43 18.90 -69.51 18.29
CA GLN A 43 19.77 -69.00 19.30
C GLN A 43 19.11 -69.07 20.66
N ASP A 44 17.78 -68.96 20.70
CA ASP A 44 17.02 -69.15 21.96
C ASP A 44 17.23 -70.53 22.43
N ASP A 45 17.00 -71.46 21.48
CA ASP A 45 17.13 -72.89 21.69
C ASP A 45 18.52 -73.26 22.13
N PHE A 46 19.54 -72.66 21.53
CA PHE A 46 20.90 -72.99 21.87
C PHE A 46 21.21 -72.65 23.31
N ASP A 47 20.68 -71.51 23.74
CA ASP A 47 20.83 -70.99 25.11
C ASP A 47 20.16 -71.89 26.11
N PHE A 48 18.94 -72.29 25.79
CA PHE A 48 18.18 -73.05 26.72
C PHE A 48 18.81 -74.40 26.98
N ASN A 49 19.27 -75.05 25.90
CA ASN A 49 20.01 -76.33 26.00
C ASN A 49 21.37 -76.13 26.71
N TYR A 50 22.08 -75.09 26.32
CA TYR A 50 23.35 -74.76 26.96
C TYR A 50 23.22 -74.59 28.45
N LYS A 51 22.21 -73.81 28.85
CA LYS A 51 21.90 -73.54 30.26
C LYS A 51 21.55 -74.84 31.00
N THR A 52 20.79 -75.72 30.33
CA THR A 52 20.38 -77.03 30.87
C THR A 52 21.58 -77.90 31.15
N LEU A 53 22.59 -77.83 30.30
CA LEU A 53 23.75 -78.68 30.48
C LEU A 53 24.58 -78.24 31.67
N LYS A 54 24.74 -76.92 31.82
CA LYS A 54 25.43 -76.37 33.00
C LYS A 54 24.69 -76.75 34.28
N SER A 55 23.36 -76.62 34.22
CA SER A 55 22.45 -77.10 35.28
C SER A 55 22.71 -78.57 35.66
N GLN A 56 22.96 -79.40 34.64
CA GLN A 56 23.34 -80.80 34.84
C GLN A 56 24.61 -81.03 35.69
N GLY A 57 25.64 -80.20 35.57
CA GLY A 57 26.90 -80.40 36.33
C GLY A 57 26.84 -80.53 37.87
N ASP A 58 26.26 -81.60 38.47
CA ASP A 58 26.04 -81.69 39.98
C ASP A 58 26.63 -82.92 40.68
N SER A 68 26.74 -91.28 25.57
CA SER A 68 25.78 -91.31 26.65
C SER A 68 24.84 -90.09 26.63
N VAL A 69 23.89 -89.98 27.56
CA VAL A 69 22.83 -88.92 27.45
C VAL A 69 23.44 -87.52 27.40
N THR A 70 24.06 -87.14 28.51
CA THR A 70 24.77 -85.90 28.59
C THR A 70 25.82 -85.72 27.40
N ARG A 71 26.30 -86.85 26.84
CA ARG A 71 27.29 -86.84 25.78
C ARG A 71 26.71 -86.37 24.43
N GLN A 72 25.52 -86.88 24.03
CA GLN A 72 24.94 -86.50 22.76
C GLN A 72 24.31 -85.14 22.80
N LYS A 73 23.98 -84.67 23.98
CA LYS A 73 23.49 -83.31 24.13
C LYS A 73 24.56 -82.28 23.89
N MET A 74 25.77 -82.61 24.27
CA MET A 74 26.89 -81.76 23.96
C MET A 74 27.13 -81.80 22.45
N GLN A 75 27.00 -82.95 21.83
CA GLN A 75 27.06 -82.95 20.37
C GLN A 75 26.04 -82.04 19.68
N GLN A 76 24.86 -81.91 20.25
CA GLN A 76 23.79 -81.08 19.68
C GLN A 76 24.02 -79.62 19.92
N LEU A 77 24.61 -79.30 21.03
CA LEU A 77 24.97 -77.95 21.33
C LEU A 77 25.99 -77.48 20.36
N GLU A 78 26.98 -78.34 20.20
CA GLU A 78 28.05 -78.16 19.24
C GLU A 78 27.49 -77.91 17.85
N GLN A 79 26.56 -78.75 17.42
CA GLN A 79 26.02 -78.62 16.07
C GLN A 79 25.05 -77.43 15.87
N MET A 80 24.40 -77.01 16.95
CA MET A 80 23.47 -75.91 16.89
C MET A 80 24.24 -74.66 16.65
N LEU A 81 25.37 -74.59 17.34
CA LEU A 81 26.30 -73.51 17.22
C LEU A 81 26.88 -73.39 15.85
N THR A 82 27.23 -74.49 15.24
CA THR A 82 27.78 -74.41 13.90
C THR A 82 26.78 -73.82 12.96
N ALA A 83 25.51 -74.18 13.13
CA ALA A 83 24.46 -73.76 12.24
C ALA A 83 24.12 -72.32 12.51
N LEU A 84 24.32 -71.91 13.74
CA LEU A 84 24.13 -70.53 14.07
C LEU A 84 25.09 -69.60 13.37
N ASP A 85 26.36 -69.95 13.48
CA ASP A 85 27.42 -69.21 12.81
C ASP A 85 27.16 -69.21 11.31
N GLN A 86 26.80 -70.36 10.74
CA GLN A 86 26.45 -70.42 9.33
C GLN A 86 25.36 -69.46 8.96
N MET A 87 24.34 -69.32 9.82
CA MET A 87 23.18 -68.49 9.50
C MET A 87 23.51 -67.06 9.63
N ARG A 88 24.35 -66.70 10.59
CA ARG A 88 24.83 -65.30 10.66
C ARG A 88 25.59 -64.89 9.43
N ARG A 89 26.49 -65.76 8.96
CA ARG A 89 27.30 -65.49 7.78
C ARG A 89 26.43 -65.32 6.60
N SER A 90 25.45 -66.17 6.49
CA SER A 90 24.58 -66.05 5.39
C SER A 90 23.85 -64.70 5.40
N ILE A 91 23.37 -64.30 6.58
CA ILE A 91 22.52 -63.15 6.72
C ILE A 91 23.32 -61.91 6.44
N VAL A 92 24.48 -61.85 7.10
CA VAL A 92 25.36 -60.74 7.04
C VAL A 92 25.77 -60.54 5.62
N SER A 93 26.09 -61.61 4.95
CA SER A 93 26.44 -61.51 3.56
C SER A 93 25.28 -60.94 2.70
N GLU A 94 24.05 -61.33 2.97
CA GLU A 94 22.91 -60.91 2.17
C GLU A 94 22.50 -59.53 2.58
N LEU A 95 22.85 -59.11 3.78
CA LEU A 95 22.55 -57.73 4.13
C LEU A 95 23.38 -56.80 3.28
N ALA A 96 24.64 -57.11 3.17
CA ALA A 96 25.54 -56.32 2.36
C ALA A 96 25.16 -56.24 0.90
N GLY A 97 24.59 -57.31 0.38
CA GLY A 97 24.22 -57.35 -1.00
C GLY A 97 23.12 -56.38 -1.23
N LEU A 98 22.22 -56.30 -0.25
CA LEU A 98 21.05 -55.45 -0.28
C LEU A 98 21.41 -53.98 -0.22
N LEU A 99 22.39 -53.68 0.61
CA LEU A 99 22.87 -52.33 0.77
C LEU A 99 23.42 -51.78 -0.53
N SER A 100 24.19 -52.58 -1.25
CA SER A 100 24.69 -52.21 -2.56
C SER A 100 23.56 -51.98 -3.54
N ALA A 101 22.55 -52.80 -3.45
CA ALA A 101 21.47 -52.67 -4.39
C ALA A 101 20.61 -51.45 -4.10
N MET A 102 20.37 -51.19 -2.83
CA MET A 102 19.68 -49.98 -2.37
C MET A 102 20.49 -48.77 -2.74
N GLU A 103 21.81 -48.87 -2.52
CA GLU A 103 22.75 -47.82 -2.85
C GLU A 103 22.69 -47.55 -4.29
N TYR A 104 22.54 -48.58 -5.09
CA TYR A 104 22.59 -48.34 -6.49
C TYR A 104 21.27 -47.87 -6.99
N VAL A 105 20.18 -48.38 -6.42
CA VAL A 105 18.85 -47.93 -6.81
C VAL A 105 18.46 -46.56 -6.31
N GLN A 106 19.06 -46.14 -5.21
CA GLN A 106 18.80 -44.79 -4.70
C GLN A 106 19.29 -43.74 -5.65
N LYS A 107 20.41 -43.98 -6.29
CA LYS A 107 20.96 -42.95 -7.14
C LYS A 107 20.10 -42.81 -8.38
N THR A 108 19.41 -43.84 -8.76
CA THR A 108 18.55 -43.66 -9.88
C THR A 108 17.29 -42.90 -9.48
N LEU A 109 16.85 -43.15 -8.25
CA LEU A 109 15.68 -42.48 -7.71
C LEU A 109 16.02 -41.03 -7.60
N THR A 110 17.14 -40.71 -6.95
CA THR A 110 17.38 -39.37 -6.52
C THR A 110 18.05 -38.60 -7.61
N ASP A 111 19.02 -39.16 -8.32
CA ASP A 111 19.79 -38.34 -9.29
C ASP A 111 19.23 -38.41 -10.70
N GLU A 112 18.15 -39.10 -10.91
CA GLU A 112 17.75 -39.33 -12.28
C GLU A 112 16.25 -39.06 -12.34
N GLU A 113 15.43 -39.80 -11.59
CA GLU A 113 13.99 -39.54 -11.65
C GLU A 113 13.54 -38.26 -10.91
N LEU A 114 14.15 -37.96 -9.78
CA LEU A 114 13.80 -36.77 -9.07
C LEU A 114 14.29 -35.55 -9.78
N ALA A 115 15.51 -35.65 -10.28
CA ALA A 115 16.14 -34.55 -10.96
C ALA A 115 15.40 -34.23 -12.25
N ASP A 116 14.69 -35.19 -12.83
CA ASP A 116 13.93 -34.92 -14.05
C ASP A 116 12.66 -34.20 -13.65
N TRP A 117 12.05 -34.59 -12.53
CA TRP A 117 10.84 -33.92 -12.15
C TRP A 117 11.19 -32.45 -11.89
N LYS A 118 12.36 -32.20 -11.30
CA LYS A 118 12.82 -30.82 -11.07
C LYS A 118 12.96 -30.00 -12.32
N ARG A 119 13.41 -30.61 -13.41
CA ARG A 119 13.44 -29.89 -14.66
C ARG A 119 12.06 -29.62 -15.12
N ARG A 120 11.18 -30.57 -14.96
CA ARG A 120 9.85 -30.42 -15.49
C ARG A 120 9.13 -29.35 -14.78
N GLN A 121 9.51 -29.08 -13.53
CA GLN A 121 9.01 -27.94 -12.76
C GLN A 121 9.41 -26.65 -13.41
N GLN A 122 10.68 -26.52 -13.75
CA GLN A 122 11.13 -25.35 -14.49
C GLN A 122 10.35 -25.10 -15.79
N ILE A 123 9.96 -26.16 -16.48
CA ILE A 123 9.26 -26.01 -17.75
C ILE A 123 7.80 -25.71 -17.48
N ALA A 124 7.34 -26.22 -16.37
CA ALA A 124 5.97 -25.92 -16.00
C ALA A 124 5.76 -24.49 -15.70
N CYS A 125 6.73 -23.87 -15.02
CA CYS A 125 6.60 -22.54 -14.47
C CYS A 125 6.46 -21.50 -15.56
N ILE A 126 7.19 -21.77 -16.62
CA ILE A 126 7.23 -20.88 -17.73
C ILE A 126 6.19 -21.24 -18.76
N GLY A 127 5.35 -22.22 -18.46
CA GLY A 127 4.20 -22.55 -19.30
C GLY A 127 4.25 -23.83 -20.11
N GLY A 128 5.23 -24.69 -19.89
CA GLY A 128 5.23 -25.99 -20.60
C GLY A 128 4.27 -27.08 -20.13
N PRO A 129 4.38 -28.25 -20.73
CA PRO A 129 3.73 -29.44 -20.28
C PRO A 129 3.91 -29.64 -18.82
N PRO A 130 2.81 -29.52 -18.06
CA PRO A 130 2.88 -29.61 -16.59
C PRO A 130 2.92 -31.07 -16.01
N ASN A 131 3.80 -32.02 -16.46
CA ASN A 131 3.85 -33.24 -15.65
C ASN A 131 4.65 -33.01 -14.40
N ILE A 132 3.93 -32.60 -13.38
CA ILE A 132 4.47 -32.08 -12.20
C ILE A 132 4.13 -32.99 -11.00
N CYS A 133 3.45 -34.11 -11.28
CA CYS A 133 2.91 -34.93 -10.22
C CYS A 133 4.00 -35.66 -9.46
N LEU A 134 3.95 -35.59 -8.15
CA LEU A 134 4.99 -36.20 -7.36
C LEU A 134 4.53 -37.50 -6.77
N ASP A 135 3.35 -37.99 -7.13
CA ASP A 135 2.74 -39.10 -6.42
C ASP A 135 3.57 -40.34 -6.55
N ARG A 136 3.92 -40.66 -7.79
CA ARG A 136 4.89 -41.72 -8.07
C ARG A 136 6.22 -41.59 -7.33
N LEU A 137 6.86 -40.46 -7.46
CA LEU A 137 8.11 -40.28 -6.78
C LEU A 137 7.97 -40.53 -5.29
N GLU A 138 6.92 -39.98 -4.68
CA GLU A 138 6.76 -40.06 -3.26
C GLU A 138 6.58 -41.52 -2.90
N ASN A 139 5.76 -42.23 -3.67
CA ASN A 139 5.60 -43.68 -3.46
C ASN A 139 6.89 -44.47 -3.50
N TRP A 140 7.68 -44.30 -4.56
CA TRP A 140 9.01 -44.94 -4.63
C TRP A 140 9.94 -44.62 -3.46
N ILE A 141 9.98 -43.35 -3.06
CA ILE A 141 10.88 -42.92 -2.05
C ILE A 141 10.44 -43.44 -0.73
N THR A 142 9.16 -43.44 -0.45
CA THR A 142 8.68 -43.94 0.82
C THR A 142 8.83 -45.43 0.86
N SER A 143 8.58 -46.11 -0.26
CA SER A 143 8.83 -47.54 -0.32
C SER A 143 10.29 -47.82 0.05
N LEU A 144 11.22 -47.14 -0.61
CA LEU A 144 12.63 -47.32 -0.29
C LEU A 144 13.01 -47.00 1.18
N ALA A 145 12.41 -45.94 1.73
CA ALA A 145 12.68 -45.47 3.10
C ALA A 145 12.22 -46.53 4.10
N GLU A 146 11.07 -47.09 3.77
CA GLU A 146 10.45 -48.10 4.62
C GLU A 146 11.38 -49.32 4.60
N SER A 147 11.90 -49.64 3.42
CA SER A 147 12.79 -50.76 3.28
C SER A 147 14.06 -50.58 4.09
N GLN A 148 14.60 -49.38 4.10
CA GLN A 148 15.85 -49.14 4.81
C GLN A 148 15.70 -49.11 6.31
N LEU A 149 14.57 -48.64 6.76
CA LEU A 149 14.47 -48.52 8.18
C LEU A 149 14.28 -49.85 8.82
N GLN A 150 13.62 -50.76 8.10
CA GLN A 150 13.53 -52.13 8.48
C GLN A 150 14.89 -52.85 8.38
N THR A 151 15.63 -52.65 7.29
CA THR A 151 16.95 -53.20 7.20
C THR A 151 17.77 -52.81 8.44
N ARG A 152 17.67 -51.56 8.89
CA ARG A 152 18.42 -51.11 10.06
C ARG A 152 17.93 -51.74 11.34
N GLN A 153 16.64 -52.02 11.44
CA GLN A 153 16.15 -52.66 12.63
C GLN A 153 16.64 -54.10 12.65
N GLN A 154 16.85 -54.72 11.48
CA GLN A 154 17.52 -56.01 11.34
C GLN A 154 18.99 -56.00 11.77
N ILE A 155 19.71 -54.94 11.44
CA ILE A 155 21.11 -54.80 11.85
C ILE A 155 21.23 -54.61 13.33
N LYS A 156 20.26 -53.92 13.92
CA LYS A 156 20.20 -53.70 15.35
C LYS A 156 19.96 -55.03 16.01
N LYS A 157 19.20 -55.87 15.35
CA LYS A 157 18.86 -57.15 15.90
C LYS A 157 20.08 -58.04 15.96
N LEU A 158 20.87 -58.02 14.89
CA LEU A 158 22.08 -58.78 14.84
C LEU A 158 22.97 -58.36 15.99
N GLU A 159 23.07 -57.08 16.22
CA GLU A 159 23.86 -56.55 17.33
C GLU A 159 23.43 -57.08 18.70
N GLU A 160 22.11 -57.13 18.91
CA GLU A 160 21.52 -57.63 20.15
C GLU A 160 21.92 -59.09 20.29
N LEU A 161 21.90 -59.82 19.19
CA LEU A 161 22.25 -61.22 19.22
C LEU A 161 23.72 -61.56 19.59
N GLN A 162 24.66 -60.72 19.16
CA GLN A 162 26.09 -60.89 19.49
C GLN A 162 26.37 -60.56 20.95
N GLN A 163 25.58 -59.64 21.50
CA GLN A 163 25.67 -59.31 22.92
C GLN A 163 25.38 -60.52 23.76
N LYS A 164 24.44 -61.32 23.26
CA LYS A 164 24.04 -62.56 23.90
C LYS A 164 24.99 -63.70 23.62
N VAL A 165 25.33 -63.95 22.36
CA VAL A 165 26.13 -65.16 22.02
C VAL A 165 27.21 -64.82 21.03
N SER A 166 28.47 -64.83 21.48
CA SER A 166 29.58 -64.61 20.58
C SER A 166 30.76 -65.54 20.79
N TYR A 167 31.58 -65.57 19.75
CA TYR A 167 32.70 -66.48 19.64
C TYR A 167 33.78 -65.78 18.79
N LYS A 168 34.94 -66.44 18.67
CA LYS A 168 36.03 -65.91 17.87
C LYS A 168 35.66 -66.18 16.44
N GLY A 169 35.66 -65.16 15.60
CA GLY A 169 35.38 -65.31 14.17
C GLY A 169 34.02 -64.81 13.77
N ASP A 170 33.20 -64.45 14.77
CA ASP A 170 31.79 -64.11 14.63
C ASP A 170 31.55 -62.99 13.65
N PRO A 171 30.85 -63.23 12.55
CA PRO A 171 30.72 -62.20 11.54
C PRO A 171 29.83 -61.02 11.88
N ILE A 172 29.11 -61.07 12.99
CA ILE A 172 28.42 -59.90 13.38
C ILE A 172 29.51 -58.95 13.88
N VAL A 173 30.45 -59.45 14.69
CA VAL A 173 31.51 -58.57 15.28
C VAL A 173 32.34 -57.89 14.16
N GLN A 174 32.58 -58.67 13.13
CA GLN A 174 33.40 -58.26 12.03
C GLN A 174 32.71 -57.34 11.00
N HIS A 175 31.45 -57.56 10.67
CA HIS A 175 30.80 -56.75 9.65
C HIS A 175 29.77 -55.74 10.08
N ARG A 176 29.31 -55.84 11.31
CA ARG A 176 28.08 -55.15 11.65
C ARG A 176 28.23 -53.65 11.59
N PRO A 177 29.33 -53.12 12.09
CA PRO A 177 29.47 -51.66 12.01
C PRO A 177 29.41 -51.06 10.61
N MET A 178 29.95 -51.74 9.60
CA MET A 178 29.91 -51.24 8.20
C MET A 178 28.50 -51.23 7.68
N LEU A 179 27.77 -52.30 7.96
CA LEU A 179 26.37 -52.44 7.57
C LEU A 179 25.53 -51.35 8.17
N GLU A 180 25.76 -51.06 9.44
CA GLU A 180 25.06 -49.99 10.05
C GLU A 180 25.46 -48.66 9.47
N GLU A 181 26.72 -48.51 9.14
CA GLU A 181 27.20 -47.25 8.64
C GLU A 181 26.61 -46.96 7.25
N ARG A 182 26.40 -47.98 6.46
CA ARG A 182 25.99 -47.79 5.07
C ARG A 182 24.54 -47.46 5.06
N ILE A 183 23.79 -48.08 5.97
CA ILE A 183 22.37 -47.93 5.96
C ILE A 183 22.00 -46.59 6.53
N VAL A 184 22.75 -46.10 7.52
CA VAL A 184 22.45 -44.81 8.10
C VAL A 184 22.70 -43.75 7.08
N GLU A 185 23.77 -43.86 6.33
CA GLU A 185 24.15 -42.85 5.36
C GLU A 185 23.16 -42.75 4.20
N LEU A 186 22.62 -43.92 3.86
CA LEU A 186 21.58 -44.07 2.85
C LEU A 186 20.29 -43.39 3.20
N PHE A 187 19.86 -43.57 4.43
CA PHE A 187 18.57 -43.13 4.87
C PHE A 187 18.69 -41.65 5.00
N ARG A 188 19.82 -41.25 5.55
CA ARG A 188 20.11 -39.88 5.86
C ARG A 188 20.09 -39.05 4.56
N ASN A 189 20.61 -39.57 3.43
CA ASN A 189 20.58 -38.84 2.15
C ASN A 189 19.26 -38.94 1.41
N LEU A 190 18.53 -39.97 1.67
CA LEU A 190 17.28 -40.11 1.00
C LEU A 190 16.34 -39.11 1.66
N MET A 191 16.49 -38.91 2.98
CA MET A 191 15.69 -37.92 3.70
C MET A 191 15.97 -36.57 3.22
N LYS A 192 17.22 -36.29 2.97
CA LYS A 192 17.60 -35.01 2.40
C LYS A 192 17.12 -34.73 1.00
N SER A 193 17.05 -35.72 0.17
CA SER A 193 16.59 -35.51 -1.18
C SER A 193 15.11 -35.35 -1.23
N ALA A 194 14.44 -35.86 -0.22
CA ALA A 194 13.02 -35.95 -0.25
C ALA A 194 12.42 -34.63 0.10
N PHE A 195 13.17 -33.72 0.75
CA PHE A 195 12.60 -32.43 1.10
C PHE A 195 12.67 -31.53 -0.14
N VAL A 196 11.53 -31.22 -0.74
CA VAL A 196 11.48 -30.42 -1.97
C VAL A 196 10.46 -29.30 -1.96
N VAL A 197 10.58 -28.41 -2.93
CA VAL A 197 9.70 -27.29 -3.07
C VAL A 197 8.65 -27.69 -4.07
N GLU A 198 7.45 -27.92 -3.59
CA GLU A 198 6.37 -28.37 -4.44
C GLU A 198 5.80 -27.23 -5.23
N ARG A 199 5.62 -26.06 -4.61
CA ARG A 199 5.15 -24.87 -5.35
C ARG A 199 6.10 -23.76 -5.23
N GLN A 200 6.54 -23.23 -6.36
CA GLN A 200 7.60 -22.25 -6.32
C GLN A 200 6.97 -20.95 -5.85
N PRO A 201 7.75 -20.00 -5.26
CA PRO A 201 7.14 -18.75 -4.79
C PRO A 201 6.41 -18.07 -5.89
N CYS A 202 5.22 -17.58 -5.60
CA CYS A 202 4.43 -16.95 -6.61
C CYS A 202 3.40 -16.07 -6.00
N MET A 203 3.07 -14.97 -6.65
CA MET A 203 2.01 -14.09 -6.12
C MET A 203 0.68 -14.65 -6.53
N PRO A 204 -0.21 -14.87 -5.60
CA PRO A 204 -1.52 -15.29 -5.94
C PRO A 204 -2.16 -14.54 -7.05
N MET A 205 -1.86 -13.26 -7.13
CA MET A 205 -2.45 -12.31 -8.07
C MET A 205 -1.89 -12.48 -9.51
N HIS A 206 -0.72 -13.11 -9.62
CA HIS A 206 -0.06 -13.38 -10.91
C HIS A 206 0.31 -14.83 -11.02
N PRO A 207 -0.70 -15.65 -11.17
CA PRO A 207 -0.50 -17.08 -11.14
C PRO A 207 0.32 -17.61 -12.29
N ASP A 208 0.34 -16.87 -13.39
CA ASP A 208 1.03 -17.25 -14.56
C ASP A 208 2.50 -16.73 -14.56
N ARG A 209 2.92 -15.98 -13.54
CA ARG A 209 4.28 -15.47 -13.47
C ARG A 209 4.93 -15.75 -12.11
N PRO A 210 5.19 -17.00 -11.80
CA PRO A 210 5.89 -17.36 -10.57
C PRO A 210 7.34 -17.02 -10.65
N LEU A 211 7.94 -17.02 -9.48
CA LEU A 211 9.30 -16.61 -9.30
C LEU A 211 9.54 -15.10 -9.56
N VAL A 212 8.49 -14.31 -9.47
CA VAL A 212 8.61 -12.92 -9.48
C VAL A 212 7.81 -12.33 -8.32
N ILE A 213 8.48 -11.60 -7.43
CA ILE A 213 7.83 -11.17 -6.21
C ILE A 213 8.03 -9.70 -6.15
N LYS A 214 6.95 -8.99 -5.94
CA LYS A 214 7.01 -7.56 -5.71
C LYS A 214 6.99 -7.32 -4.24
N THR A 215 7.73 -6.28 -3.81
CA THR A 215 7.83 -5.95 -2.40
C THR A 215 6.49 -5.49 -1.90
N GLY A 216 6.11 -5.92 -0.71
CA GLY A 216 4.82 -5.54 -0.14
C GLY A 216 3.65 -6.41 -0.48
N VAL A 217 3.61 -7.02 -1.67
CA VAL A 217 2.52 -7.90 -2.13
C VAL A 217 2.80 -9.32 -1.71
N GLN A 218 1.75 -10.07 -1.41
CA GLN A 218 1.87 -11.44 -0.88
C GLN A 218 2.20 -12.53 -1.90
N PHE A 219 3.01 -13.47 -1.47
CA PHE A 219 3.33 -14.62 -2.29
C PHE A 219 3.23 -15.88 -1.45
N THR A 220 3.13 -17.01 -2.14
CA THR A 220 2.85 -18.30 -1.53
C THR A 220 3.84 -19.32 -1.97
N THR A 221 4.30 -20.19 -1.08
CA THR A 221 5.21 -21.26 -1.53
C THR A 221 4.98 -22.50 -0.67
N LYS A 222 5.30 -23.67 -1.17
CA LYS A 222 4.94 -24.93 -0.47
C LYS A 222 6.09 -25.95 -0.58
N VAL A 223 6.37 -26.64 0.52
CA VAL A 223 7.33 -27.70 0.52
C VAL A 223 6.69 -28.99 0.92
N ARG A 224 7.34 -30.08 0.56
CA ARG A 224 6.83 -31.38 0.83
C ARG A 224 8.00 -32.25 1.20
N LEU A 225 7.78 -33.15 2.14
CA LEU A 225 8.74 -34.21 2.46
C LEU A 225 8.16 -35.46 1.83
N LEU A 226 8.86 -36.03 0.86
CA LEU A 226 8.33 -37.14 0.09
C LEU A 226 8.50 -38.48 0.84
N VAL A 227 9.04 -38.47 2.04
CA VAL A 227 9.12 -39.65 2.86
C VAL A 227 7.83 -39.61 3.65
N LYS A 228 6.91 -40.47 3.28
CA LYS A 228 5.59 -40.38 3.79
C LYS A 228 5.40 -41.08 5.12
N PHE A 229 5.91 -40.46 6.17
CA PHE A 229 5.82 -41.01 7.52
C PHE A 229 4.83 -40.30 8.38
N PRO A 230 3.84 -41.02 8.85
CA PRO A 230 2.78 -40.42 9.70
C PRO A 230 3.16 -40.05 11.09
N GLU A 231 4.30 -40.46 11.57
CA GLU A 231 4.68 -40.23 12.91
C GLU A 231 5.31 -38.88 12.94
N LEU A 232 5.62 -38.32 11.76
CA LEU A 232 6.19 -37.01 11.71
C LEU A 232 5.13 -35.94 11.57
N ASN A 233 3.86 -36.29 11.47
CA ASN A 233 2.77 -35.34 11.27
C ASN A 233 2.83 -34.39 12.44
N TYR A 234 2.85 -33.08 12.15
CA TYR A 234 2.92 -32.00 13.12
C TYR A 234 4.23 -32.02 13.91
N GLN A 235 5.22 -32.76 13.46
CA GLN A 235 6.46 -32.80 14.22
C GLN A 235 7.47 -31.73 13.83
N LEU A 236 7.52 -31.37 12.56
CA LEU A 236 8.59 -30.49 12.05
C LEU A 236 8.17 -29.07 11.77
N LYS A 237 8.99 -28.15 12.13
CA LYS A 237 8.78 -26.77 11.85
C LYS A 237 9.75 -26.37 10.71
N ILE A 238 9.22 -25.82 9.63
CA ILE A 238 9.98 -25.35 8.52
C ILE A 238 10.15 -23.82 8.64
N LYS A 239 11.39 -23.37 8.49
CA LYS A 239 11.67 -21.95 8.49
C LYS A 239 11.95 -21.44 7.14
N VAL A 240 11.30 -20.41 6.64
CA VAL A 240 11.64 -19.88 5.33
C VAL A 240 12.43 -18.58 5.45
N CYS A 241 13.24 -18.26 4.47
CA CYS A 241 13.90 -16.95 4.47
C CYS A 241 14.56 -16.66 3.14
N ILE A 242 15.07 -15.46 2.98
CA ILE A 242 15.61 -15.03 1.70
C ILE A 242 17.00 -14.49 1.95
N ASP A 243 17.84 -14.57 0.94
CA ASP A 243 19.21 -14.15 1.02
C ASP A 243 20.04 -14.60 2.25
N LYS A 244 19.77 -15.81 2.74
CA LYS A 244 20.56 -16.44 3.78
C LYS A 244 21.84 -16.77 3.10
N ASP A 245 22.96 -16.66 3.81
CA ASP A 245 24.28 -17.04 3.21
C ASP A 245 24.63 -16.34 1.90
N SER A 246 24.22 -15.07 1.85
CA SER A 246 24.47 -14.18 0.76
C SER A 246 25.27 -13.04 1.34
N GLY A 247 25.78 -12.18 0.47
CA GLY A 247 26.76 -11.18 0.90
C GLY A 247 28.00 -11.98 1.28
N ASP A 248 28.60 -12.58 0.26
CA ASP A 248 29.99 -13.01 0.21
C ASP A 248 30.46 -14.45 0.55
N VAL A 249 29.57 -15.47 0.67
CA VAL A 249 30.10 -16.90 0.69
C VAL A 249 30.15 -17.51 -0.73
N ALA A 250 31.11 -17.02 -1.51
CA ALA A 250 31.12 -17.08 -3.01
C ALA A 250 30.24 -15.99 -3.73
N ALA A 251 29.36 -15.32 -2.97
CA ALA A 251 28.30 -14.44 -3.50
C ALA A 251 28.83 -13.07 -4.03
N LEU A 252 28.20 -12.60 -5.10
CA LEU A 252 28.46 -11.29 -5.71
C LEU A 252 28.17 -10.17 -4.75
N ARG A 253 29.02 -9.15 -4.74
CA ARG A 253 28.83 -7.95 -3.90
C ARG A 253 27.89 -6.88 -4.53
N GLY A 254 27.27 -6.04 -3.68
CA GLY A 254 26.51 -4.88 -4.16
C GLY A 254 25.10 -5.13 -4.69
N SER A 255 24.56 -6.34 -4.50
CA SER A 255 23.16 -6.57 -4.80
C SER A 255 22.30 -6.12 -3.65
N ARG A 256 21.01 -5.97 -3.91
CA ARG A 256 20.04 -5.69 -2.85
C ARG A 256 19.86 -6.92 -2.00
N LYS A 257 19.45 -6.67 -0.77
CA LYS A 257 19.17 -7.71 0.18
C LYS A 257 17.73 -7.47 0.71
N PHE A 258 16.98 -8.55 0.93
CA PHE A 258 15.63 -8.44 1.41
C PHE A 258 15.43 -9.29 2.64
N ASN A 259 14.30 -9.07 3.31
CA ASN A 259 13.79 -10.01 4.32
C ASN A 259 12.34 -10.39 4.02
N ILE A 260 11.95 -11.53 4.57
CA ILE A 260 10.61 -12.07 4.45
C ILE A 260 9.83 -11.63 5.65
N LEU A 261 8.74 -10.96 5.44
CA LEU A 261 7.89 -10.63 6.58
C LEU A 261 6.68 -11.51 6.56
N GLY A 262 5.96 -11.41 7.66
CA GLY A 262 4.85 -12.27 7.92
C GLY A 262 5.42 -13.44 8.68
N THR A 263 4.75 -14.55 8.52
CA THR A 263 5.02 -15.60 9.42
C THR A 263 5.96 -16.61 8.78
N ASN A 264 7.19 -16.60 9.28
CA ASN A 264 8.27 -17.26 8.59
C ASN A 264 8.57 -18.65 9.05
N THR A 265 7.84 -19.22 9.98
CA THR A 265 7.98 -20.61 10.19
C THR A 265 6.63 -21.22 10.13
N LYS A 266 6.58 -22.50 9.76
CA LYS A 266 5.30 -23.15 9.74
C LYS A 266 5.36 -24.63 9.86
N VAL A 267 4.36 -25.20 10.49
CA VAL A 267 4.39 -26.64 10.82
C VAL A 267 3.97 -27.53 9.65
N MET A 268 4.70 -28.60 9.48
CA MET A 268 4.50 -29.54 8.41
C MET A 268 3.46 -30.56 8.84
N ASN A 269 2.39 -30.72 8.07
CA ASN A 269 1.41 -31.72 8.42
C ASN A 269 0.87 -32.45 7.21
N MET A 270 -0.02 -33.43 7.45
CA MET A 270 -0.71 -34.14 6.40
C MET A 270 -2.07 -33.55 5.95
N GLU A 271 -2.43 -32.42 6.53
CA GLU A 271 -3.74 -31.77 6.35
C GLU A 271 -4.27 -31.51 4.95
N GLU A 272 -5.61 -31.46 4.88
CA GLU A 272 -6.47 -31.37 3.67
C GLU A 272 -6.71 -32.76 3.04
N SER A 273 -5.92 -33.75 3.46
CA SER A 273 -6.02 -35.12 3.03
C SER A 273 -5.93 -35.21 1.51
N ASN A 274 -4.95 -34.54 0.94
CA ASN A 274 -4.75 -34.52 -0.52
C ASN A 274 -4.51 -35.97 -0.91
N ASN A 275 -3.49 -36.52 -0.28
CA ASN A 275 -3.30 -37.96 -0.23
C ASN A 275 -2.52 -38.31 1.05
N GLY A 276 -2.49 -37.42 2.04
CA GLY A 276 -1.79 -37.65 3.29
C GLY A 276 -0.34 -37.22 3.29
N SER A 277 0.07 -36.52 2.25
CA SER A 277 1.46 -36.13 2.04
C SER A 277 1.92 -35.18 3.13
N LEU A 278 3.16 -35.27 3.60
CA LEU A 278 3.69 -34.25 4.54
C LEU A 278 4.07 -32.99 3.83
N SER A 279 3.52 -31.86 4.21
CA SER A 279 3.83 -30.59 3.55
C SER A 279 3.62 -29.46 4.46
N ALA A 280 4.00 -28.29 4.00
CA ALA A 280 3.95 -27.08 4.76
C ALA A 280 3.80 -26.04 3.72
N GLU A 281 2.71 -25.31 3.85
CA GLU A 281 2.47 -24.24 2.93
C GLU A 281 2.52 -22.91 3.59
N PHE A 282 3.24 -21.96 3.01
CA PHE A 282 3.41 -20.60 3.51
C PHE A 282 2.49 -19.72 2.75
N LYS A 283 1.54 -19.10 3.40
CA LYS A 283 0.85 -18.03 2.72
C LYS A 283 1.13 -16.68 3.37
N HIS A 284 0.66 -15.67 2.67
CA HIS A 284 0.74 -14.32 3.14
C HIS A 284 2.17 -13.82 3.39
N LEU A 285 3.22 -14.39 2.82
CA LEU A 285 4.56 -13.82 3.02
C LEU A 285 4.78 -12.56 2.18
N THR A 286 5.52 -11.59 2.72
CA THR A 286 5.89 -10.40 1.89
C THR A 286 7.35 -10.20 1.92
N LEU A 287 7.84 -9.53 0.92
CA LEU A 287 9.29 -9.19 0.87
C LEU A 287 9.54 -7.67 1.14
N ARG A 288 10.51 -7.33 1.99
CA ARG A 288 10.84 -5.91 2.25
C ARG A 288 12.28 -5.69 2.05
N GLU A 289 12.63 -4.58 1.40
CA GLU A 289 14.05 -4.38 1.10
C GLU A 289 14.76 -4.10 2.38
N GLN A 290 15.96 -4.64 2.56
CA GLN A 290 16.70 -4.33 3.75
C GLN A 290 17.64 -3.23 3.32
N ARG A 291 17.06 -2.03 3.22
CA ARG A 291 17.81 -0.84 2.79
C ARG A 291 18.78 -0.54 3.92
N CYS A 292 20.02 -0.27 3.48
CA CYS A 292 21.17 -0.10 4.34
C CYS A 292 21.36 -1.28 5.34
N ALA A 302 24.54 -2.42 -8.38
CA ALA A 302 25.25 -1.82 -9.53
C ALA A 302 25.77 -2.89 -10.58
N SER A 303 26.12 -4.07 -10.09
CA SER A 303 26.51 -5.18 -10.96
C SER A 303 25.45 -5.48 -12.03
N LEU A 304 24.19 -5.58 -11.59
CA LEU A 304 23.11 -5.99 -12.47
C LEU A 304 21.91 -5.17 -12.20
N ILE A 305 21.09 -4.92 -13.22
CA ILE A 305 19.82 -4.20 -13.04
C ILE A 305 18.87 -5.07 -12.22
N VAL A 306 17.95 -4.48 -11.48
CA VAL A 306 17.12 -5.26 -10.57
C VAL A 306 16.39 -6.47 -11.20
N THR A 307 15.98 -6.25 -12.41
CA THR A 307 15.29 -7.18 -13.20
C THR A 307 16.07 -8.39 -13.53
N GLU A 308 17.38 -8.36 -13.49
CA GLU A 308 18.17 -9.56 -13.77
C GLU A 308 18.84 -10.12 -12.52
N GLU A 309 18.63 -9.47 -11.39
CA GLU A 309 19.32 -9.82 -10.15
C GLU A 309 18.56 -10.99 -9.57
N LEU A 310 19.21 -11.96 -8.98
CA LEU A 310 18.46 -13.10 -8.53
C LEU A 310 18.63 -13.48 -7.05
N HIS A 311 17.57 -13.94 -6.41
CA HIS A 311 17.65 -14.28 -5.01
C HIS A 311 17.13 -15.66 -4.80
N LEU A 312 17.50 -16.23 -3.68
CA LEU A 312 17.01 -17.54 -3.32
C LEU A 312 16.22 -17.51 -2.00
N ILE A 313 15.03 -18.17 -2.05
CA ILE A 313 14.25 -18.41 -0.85
C ILE A 313 14.60 -19.82 -0.42
N THR A 314 15.01 -20.02 0.82
CA THR A 314 15.52 -21.25 1.35
C THR A 314 14.61 -21.75 2.45
N PHE A 315 14.41 -23.06 2.57
CA PHE A 315 13.60 -23.62 3.64
C PHE A 315 14.44 -24.54 4.46
N GLU A 316 14.27 -24.57 5.77
CA GLU A 316 15.08 -25.46 6.59
C GLU A 316 14.30 -26.12 7.64
N THR A 317 14.81 -27.24 8.14
CA THR A 317 14.29 -27.93 9.31
C THR A 317 15.21 -29.02 9.82
N GLU A 318 14.88 -29.63 10.94
CA GLU A 318 15.68 -30.69 11.50
C GLU A 318 14.69 -31.79 11.89
N VAL A 319 15.03 -33.05 11.62
CA VAL A 319 14.21 -34.21 12.01
C VAL A 319 14.98 -35.02 12.99
N TYR A 320 14.33 -35.42 14.05
CA TYR A 320 14.94 -36.35 14.91
C TYR A 320 14.12 -37.64 14.81
N HIS A 321 14.72 -38.72 14.32
CA HIS A 321 13.94 -39.95 14.06
C HIS A 321 14.76 -41.19 14.31
N GLN A 322 14.29 -42.01 15.24
CA GLN A 322 14.93 -43.28 15.59
C GLN A 322 16.43 -43.16 15.78
N GLY A 323 16.87 -42.29 16.68
CA GLY A 323 18.29 -42.21 17.03
C GLY A 323 19.10 -41.18 16.29
N LEU A 324 18.56 -40.71 15.15
CA LEU A 324 19.27 -39.81 14.23
C LEU A 324 18.76 -38.39 14.19
N LYS A 325 19.67 -37.44 14.01
CA LYS A 325 19.32 -36.07 13.77
C LYS A 325 19.68 -35.72 12.36
N ILE A 326 18.72 -35.34 11.54
CA ILE A 326 19.03 -35.04 10.17
C ILE A 326 18.55 -33.66 9.80
N ASP A 327 19.43 -32.86 9.23
CA ASP A 327 19.12 -31.49 8.82
C ASP A 327 18.61 -31.49 7.42
N LEU A 328 17.49 -30.86 7.18
CA LEU A 328 16.99 -30.82 5.85
C LEU A 328 17.02 -29.41 5.40
N GLU A 329 17.25 -29.22 4.12
CA GLU A 329 17.38 -27.92 3.56
C GLU A 329 16.96 -27.96 2.12
N THR A 330 16.33 -26.91 1.61
CA THR A 330 16.06 -26.85 0.19
C THR A 330 15.86 -25.39 -0.10
N HIS A 331 15.72 -25.05 -1.36
CA HIS A 331 15.58 -23.67 -1.76
C HIS A 331 14.78 -23.57 -3.01
N SER A 332 14.46 -22.39 -3.45
CA SER A 332 13.50 -22.19 -4.49
C SER A 332 14.31 -22.12 -5.71
N LEU A 333 13.65 -21.96 -6.84
CA LEU A 333 14.36 -21.56 -8.04
C LEU A 333 14.70 -20.08 -7.97
N PRO A 334 15.65 -19.58 -8.76
CA PRO A 334 15.92 -18.15 -8.61
C PRO A 334 14.71 -17.24 -8.84
N VAL A 335 14.56 -16.22 -7.99
CA VAL A 335 13.44 -15.32 -8.03
C VAL A 335 14.03 -13.97 -8.33
N VAL A 336 13.23 -13.17 -9.02
CA VAL A 336 13.54 -11.77 -9.24
C VAL A 336 12.61 -10.96 -8.39
N VAL A 337 13.13 -10.05 -7.62
CA VAL A 337 12.33 -9.14 -6.81
C VAL A 337 12.17 -7.75 -7.45
N ILE A 338 10.95 -7.27 -7.54
CA ILE A 338 10.69 -5.98 -8.16
C ILE A 338 10.00 -5.13 -7.14
N SER A 339 9.70 -3.90 -7.45
CA SER A 339 9.07 -3.04 -6.50
C SER A 339 7.84 -2.36 -7.05
N ASN A 340 7.73 -2.25 -8.36
CA ASN A 340 6.54 -1.77 -9.02
C ASN A 340 6.15 -2.80 -10.02
N ILE A 341 4.89 -2.84 -10.41
CA ILE A 341 4.47 -3.94 -11.28
C ILE A 341 4.78 -3.61 -12.72
N CYS A 342 5.18 -2.39 -13.01
CA CYS A 342 5.52 -2.08 -14.36
C CYS A 342 6.88 -2.66 -14.66
N GLN A 343 7.63 -3.07 -13.64
CA GLN A 343 8.86 -3.84 -13.82
C GLN A 343 8.63 -5.32 -14.20
N MET A 344 7.41 -5.87 -14.14
CA MET A 344 7.31 -7.29 -14.32
C MET A 344 7.61 -7.87 -15.73
N PRO A 345 7.14 -7.18 -16.77
CA PRO A 345 7.48 -7.80 -18.05
C PRO A 345 8.99 -7.95 -18.31
N ASN A 346 9.92 -7.08 -17.86
CA ASN A 346 11.33 -7.46 -18.00
C ASN A 346 11.74 -8.51 -16.98
N ALA A 347 11.25 -8.41 -15.78
CA ALA A 347 11.45 -9.54 -14.82
C ALA A 347 11.03 -10.98 -15.29
N TRP A 348 9.93 -11.05 -16.01
CA TRP A 348 9.46 -12.30 -16.48
C TRP A 348 10.36 -12.79 -17.57
N ALA A 349 10.77 -11.89 -18.45
CA ALA A 349 11.69 -12.37 -19.45
C ALA A 349 12.88 -13.04 -18.81
N SER A 350 13.34 -12.52 -17.69
CA SER A 350 14.52 -13.06 -17.08
C SER A 350 14.25 -14.41 -16.56
N ILE A 351 13.01 -14.67 -16.18
CA ILE A 351 12.66 -15.98 -15.66
C ILE A 351 12.53 -16.97 -16.82
N LEU A 352 12.07 -16.44 -17.94
CA LEU A 352 11.90 -17.24 -19.13
C LEU A 352 13.21 -17.69 -19.57
N TRP A 353 14.13 -16.76 -19.69
CA TRP A 353 15.44 -17.02 -20.27
C TRP A 353 16.20 -18.00 -19.39
N TYR A 354 16.15 -17.76 -18.09
CA TYR A 354 16.89 -18.60 -17.17
C TYR A 354 16.41 -20.02 -17.23
N ASN A 355 15.08 -20.20 -17.23
CA ASN A 355 14.54 -21.56 -17.04
C ASN A 355 14.45 -22.22 -18.32
N MET A 356 14.28 -21.50 -19.41
CA MET A 356 14.60 -22.05 -20.74
C MET A 356 16.00 -22.67 -20.92
N LEU A 357 17.05 -22.07 -20.39
CA LEU A 357 18.40 -22.48 -20.70
C LEU A 357 19.29 -23.00 -19.58
N THR A 358 18.86 -23.37 -18.39
CA THR A 358 19.81 -23.98 -17.46
C THR A 358 19.01 -24.90 -16.64
N ASN A 359 19.71 -25.83 -16.04
CA ASN A 359 19.06 -26.79 -15.20
C ASN A 359 19.63 -26.68 -13.80
N ASN A 360 20.47 -25.66 -13.62
CA ASN A 360 21.13 -25.32 -12.38
C ASN A 360 20.09 -24.63 -11.50
N PRO A 361 19.86 -25.13 -10.28
CA PRO A 361 18.84 -24.57 -9.42
C PRO A 361 19.24 -23.27 -8.73
N LYS A 362 20.53 -22.94 -8.66
CA LYS A 362 20.96 -21.86 -7.81
C LYS A 362 21.94 -20.89 -8.43
N ASN A 363 21.85 -20.67 -9.74
CA ASN A 363 22.81 -19.76 -10.38
C ASN A 363 22.37 -18.31 -10.37
N VAL A 364 22.76 -17.57 -9.36
CA VAL A 364 22.27 -16.21 -9.24
C VAL A 364 23.07 -15.24 -10.11
N ASN A 365 24.25 -15.68 -10.55
CA ASN A 365 25.07 -14.82 -11.42
C ASN A 365 24.91 -15.07 -12.91
N PHE A 366 23.82 -15.73 -13.20
CA PHE A 366 23.41 -16.09 -14.53
C PHE A 366 23.42 -14.95 -15.50
N PHE A 367 22.97 -13.81 -15.04
CA PHE A 367 22.76 -12.70 -15.96
C PHE A 367 23.95 -11.77 -16.19
N THR A 368 25.07 -12.05 -15.54
CA THR A 368 26.37 -11.48 -15.87
C THR A 368 26.86 -11.95 -17.26
N LYS A 369 26.58 -13.20 -17.62
CA LYS A 369 27.11 -13.88 -18.80
C LYS A 369 25.98 -14.72 -19.43
N PRO A 370 24.84 -14.13 -19.71
CA PRO A 370 23.69 -14.97 -20.04
C PRO A 370 23.78 -15.84 -21.34
N PRO A 371 23.64 -17.15 -21.23
CA PRO A 371 23.49 -18.04 -22.36
C PRO A 371 22.78 -17.53 -23.60
N ILE A 372 23.04 -18.25 -24.71
CA ILE A 372 22.53 -17.91 -26.02
C ILE A 372 21.54 -19.00 -26.39
N GLY A 373 20.34 -18.59 -26.81
CA GLY A 373 19.22 -19.51 -26.98
C GLY A 373 18.84 -19.71 -28.44
N THR A 374 18.71 -20.96 -28.90
CA THR A 374 18.32 -21.23 -30.30
C THR A 374 16.87 -20.82 -30.53
N TRP A 375 16.54 -20.48 -31.77
CA TRP A 375 15.16 -20.18 -32.15
C TRP A 375 14.15 -21.27 -31.81
N ASP A 376 14.53 -22.54 -31.95
CA ASP A 376 13.68 -23.64 -31.47
C ASP A 376 13.22 -23.43 -30.03
N GLN A 377 14.20 -23.38 -29.11
CA GLN A 377 13.96 -23.18 -27.68
C GLN A 377 12.96 -21.99 -27.50
N VAL A 378 13.28 -20.86 -28.11
CA VAL A 378 12.56 -19.61 -27.89
C VAL A 378 11.15 -19.70 -28.37
N ALA A 379 10.98 -20.28 -29.55
CA ALA A 379 9.66 -20.30 -30.17
C ALA A 379 8.66 -21.18 -29.39
N GLU A 380 9.16 -22.27 -28.82
CA GLU A 380 8.34 -23.15 -28.00
C GLU A 380 7.80 -22.29 -26.85
N VAL A 381 8.75 -21.71 -26.12
CA VAL A 381 8.51 -20.89 -24.98
C VAL A 381 7.65 -19.71 -25.32
N LEU A 382 7.84 -19.13 -26.49
CA LEU A 382 6.97 -18.01 -26.87
C LEU A 382 5.49 -18.39 -26.96
N SER A 383 5.25 -19.61 -27.50
CA SER A 383 3.87 -20.08 -27.76
C SER A 383 3.10 -20.31 -26.44
N TRP A 384 3.82 -21.01 -25.54
CA TRP A 384 3.42 -21.27 -24.15
C TRP A 384 2.87 -20.08 -23.43
N GLN A 385 3.36 -18.89 -23.76
CA GLN A 385 2.96 -17.73 -23.07
C GLN A 385 1.55 -17.42 -23.49
N PHE A 386 1.24 -17.61 -24.74
CA PHE A 386 -0.13 -17.46 -25.19
C PHE A 386 -0.89 -18.70 -24.81
N SER A 387 -0.29 -19.87 -25.09
CA SER A 387 -0.87 -21.18 -24.82
C SER A 387 -1.18 -21.43 -23.34
N SER A 388 -0.84 -20.54 -22.42
CA SER A 388 -1.19 -20.75 -21.04
C SER A 388 -1.87 -19.53 -20.44
N THR A 389 -1.74 -18.36 -21.03
CA THR A 389 -2.66 -17.29 -20.70
C THR A 389 -4.03 -17.56 -21.38
N THR A 390 -4.03 -18.32 -22.49
CA THR A 390 -5.24 -18.71 -23.26
C THR A 390 -5.07 -20.13 -23.82
N LYS A 391 -5.97 -20.53 -24.72
CA LYS A 391 -6.19 -21.94 -25.09
C LYS A 391 -5.31 -22.50 -26.22
N ARG A 392 -4.89 -21.67 -27.20
CA ARG A 392 -4.02 -22.08 -28.36
C ARG A 392 -2.75 -21.24 -28.34
N GLY A 393 -1.68 -21.83 -28.85
CA GLY A 393 -0.41 -21.13 -28.93
C GLY A 393 -0.29 -20.23 -30.16
N LEU A 394 0.77 -20.47 -30.90
CA LEU A 394 1.01 -19.75 -32.10
C LEU A 394 1.28 -20.78 -33.13
N SER A 395 0.67 -20.57 -34.27
CA SER A 395 0.88 -21.40 -35.46
C SER A 395 2.22 -21.09 -36.02
N ILE A 396 2.98 -22.11 -36.37
CA ILE A 396 4.33 -21.94 -36.90
C ILE A 396 4.43 -20.85 -37.96
N GLU A 397 3.56 -20.86 -38.93
CA GLU A 397 3.49 -19.76 -39.91
C GLU A 397 3.39 -18.38 -39.24
N GLN A 398 2.40 -18.22 -38.34
CA GLN A 398 2.20 -16.93 -37.62
C GLN A 398 3.36 -16.60 -36.67
N LEU A 399 3.96 -17.63 -36.11
CA LEU A 399 5.07 -17.51 -35.22
C LEU A 399 6.26 -17.09 -36.05
N THR A 400 6.38 -17.65 -37.24
CA THR A 400 7.53 -17.35 -38.08
C THR A 400 7.57 -15.90 -38.49
N THR A 401 6.43 -15.23 -38.58
CA THR A 401 6.46 -13.80 -38.77
C THR A 401 7.35 -13.11 -37.72
N LEU A 402 7.21 -13.51 -36.44
CA LEU A 402 8.05 -12.99 -35.37
C LEU A 402 9.51 -13.38 -35.59
N ALA A 403 9.72 -14.56 -36.16
CA ALA A 403 11.07 -15.07 -36.37
C ALA A 403 11.91 -14.14 -37.26
N GLU A 404 11.29 -13.67 -38.35
CA GLU A 404 11.93 -12.71 -39.25
C GLU A 404 12.26 -11.40 -38.52
N LYS A 405 11.34 -10.96 -37.68
CA LYS A 405 11.54 -9.75 -36.89
C LYS A 405 12.78 -9.78 -36.00
N LEU A 406 13.10 -10.93 -35.38
CA LEU A 406 14.38 -11.05 -34.67
C LEU A 406 15.63 -10.94 -35.51
N LEU A 407 15.64 -11.49 -36.71
CA LEU A 407 16.86 -11.44 -37.55
C LEU A 407 16.60 -10.77 -38.92
N GLY A 408 15.83 -11.43 -39.78
CA GLY A 408 15.62 -11.04 -41.18
C GLY A 408 15.96 -12.27 -42.05
N PRO A 409 15.23 -12.48 -43.16
CA PRO A 409 15.20 -13.73 -43.94
C PRO A 409 16.51 -14.49 -44.12
N TYR A 413 15.90 -20.67 -39.99
CA TYR A 413 15.44 -20.26 -38.67
C TYR A 413 15.61 -21.37 -37.59
N SER A 414 15.65 -22.66 -37.96
CA SER A 414 15.87 -23.76 -36.98
C SER A 414 17.00 -23.52 -35.97
N GLY A 415 18.22 -23.35 -36.48
CA GLY A 415 19.41 -23.25 -35.64
C GLY A 415 19.81 -21.84 -35.22
N CYS A 416 19.14 -20.83 -35.77
CA CYS A 416 19.48 -19.43 -35.48
C CYS A 416 19.50 -19.18 -33.99
N GLN A 417 20.52 -18.43 -33.58
CA GLN A 417 20.76 -18.18 -32.18
C GLN A 417 20.25 -16.81 -31.79
N ILE A 418 19.62 -16.78 -30.64
CA ILE A 418 19.05 -15.60 -30.11
C ILE A 418 19.86 -15.32 -28.86
N THR A 419 20.11 -14.04 -28.65
CA THR A 419 20.93 -13.56 -27.57
C THR A 419 20.01 -12.82 -26.65
N TRP A 420 20.37 -12.80 -25.38
CA TRP A 420 19.57 -12.08 -24.38
C TRP A 420 19.32 -10.61 -24.77
N ALA A 421 20.32 -9.99 -25.43
CA ALA A 421 20.21 -8.60 -25.84
C ALA A 421 19.20 -8.44 -26.98
N LYS A 422 19.20 -9.40 -27.90
CA LYS A 422 18.28 -9.36 -29.03
C LYS A 422 16.85 -9.48 -28.52
N PHE A 423 16.70 -10.36 -27.54
CA PHE A 423 15.43 -10.74 -26.98
C PHE A 423 14.86 -9.68 -26.04
N CYS A 424 15.61 -9.32 -25.00
CA CYS A 424 15.08 -8.45 -24.01
C CYS A 424 15.96 -7.28 -23.67
N LYS A 425 17.28 -7.43 -23.61
CA LYS A 425 18.10 -6.38 -22.96
C LYS A 425 18.12 -5.09 -23.70
N GLU A 426 18.16 -5.11 -25.01
CA GLU A 426 18.21 -3.88 -25.78
C GLU A 426 17.01 -3.79 -26.70
N ASN A 427 16.71 -2.60 -27.19
CA ASN A 427 15.54 -2.39 -28.03
C ASN A 427 15.74 -3.07 -29.37
N MET A 428 14.67 -3.35 -30.08
CA MET A 428 14.82 -3.83 -31.45
C MET A 428 15.03 -2.61 -32.32
N ALA A 429 15.85 -2.75 -33.36
CA ALA A 429 16.35 -1.60 -34.17
C ALA A 429 15.25 -0.64 -34.59
N GLY A 430 15.45 0.63 -34.31
CA GLY A 430 14.53 1.66 -34.76
C GLY A 430 13.41 1.94 -33.79
N LYS A 431 12.84 0.90 -33.20
CA LYS A 431 11.79 1.07 -32.23
C LYS A 431 12.46 1.52 -30.92
N GLY A 432 11.73 2.25 -30.08
CA GLY A 432 12.21 2.54 -28.73
C GLY A 432 12.03 1.47 -27.66
N PHE A 433 11.76 0.22 -27.99
CA PHE A 433 11.43 -0.81 -26.98
C PHE A 433 11.91 -2.17 -27.38
N SER A 434 11.88 -3.12 -26.43
CA SER A 434 12.29 -4.56 -26.57
C SER A 434 11.41 -5.45 -27.41
N PHE A 435 12.01 -6.48 -27.99
CA PHE A 435 11.21 -7.51 -28.62
C PHE A 435 10.25 -8.16 -27.64
N TRP A 436 10.76 -8.60 -26.50
CA TRP A 436 9.91 -9.22 -25.49
C TRP A 436 8.93 -8.24 -24.82
N VAL A 437 9.32 -7.01 -24.60
CA VAL A 437 8.41 -6.11 -23.92
C VAL A 437 7.21 -5.88 -24.79
N TRP A 438 7.48 -5.63 -26.06
CA TRP A 438 6.39 -5.44 -27.01
C TRP A 438 5.51 -6.67 -27.07
N LEU A 439 6.13 -7.85 -27.09
CA LEU A 439 5.37 -9.07 -27.24
C LEU A 439 4.45 -9.33 -26.06
N ASP A 440 5.02 -9.14 -24.87
CA ASP A 440 4.30 -9.39 -23.63
C ASP A 440 3.07 -8.55 -23.57
N ASN A 441 3.17 -7.34 -24.05
CA ASN A 441 2.02 -6.44 -24.04
C ASN A 441 0.88 -6.95 -24.92
N ILE A 442 1.23 -7.48 -26.05
CA ILE A 442 0.24 -8.06 -26.90
C ILE A 442 -0.46 -9.19 -26.17
N ILE A 443 0.32 -10.02 -25.46
CA ILE A 443 -0.20 -11.12 -24.69
C ILE A 443 -1.17 -10.56 -23.68
N ASP A 444 -0.79 -9.47 -23.06
CA ASP A 444 -1.72 -8.85 -22.13
C ASP A 444 -2.95 -8.42 -22.89
N LEU A 445 -2.81 -7.95 -24.11
CA LEU A 445 -3.96 -7.47 -24.80
C LEU A 445 -4.91 -8.59 -25.10
N VAL A 446 -4.38 -9.75 -25.43
CA VAL A 446 -5.28 -10.85 -25.72
C VAL A 446 -6.09 -11.22 -24.48
N LYS A 447 -5.50 -11.14 -23.28
CA LYS A 447 -6.19 -11.45 -22.05
C LYS A 447 -7.19 -10.39 -21.65
N LYS A 448 -6.83 -9.15 -21.71
CA LYS A 448 -7.72 -8.15 -21.15
C LYS A 448 -8.94 -7.86 -22.05
N TYR A 449 -8.78 -7.86 -23.38
CA TYR A 449 -9.91 -7.46 -24.27
C TYR A 449 -10.41 -8.51 -25.26
N ILE A 450 -9.61 -9.52 -25.63
CA ILE A 450 -10.00 -10.35 -26.77
C ILE A 450 -9.70 -11.87 -26.72
N LEU A 451 -9.80 -12.48 -25.55
CA LEU A 451 -9.37 -13.90 -25.43
C LEU A 451 -10.18 -14.83 -26.35
N ALA A 452 -11.50 -14.65 -26.35
CA ALA A 452 -12.40 -15.47 -27.15
C ALA A 452 -12.05 -15.31 -28.62
N LEU A 453 -11.85 -14.04 -29.00
CA LEU A 453 -11.64 -13.61 -30.37
C LEU A 453 -10.29 -14.20 -30.75
N TRP A 454 -9.34 -14.14 -29.83
CA TRP A 454 -8.06 -14.83 -29.97
C TRP A 454 -8.24 -16.35 -29.88
N ASN A 455 -7.42 -17.16 -30.53
CA ASN A 455 -7.52 -18.68 -30.41
C ASN A 455 -8.92 -19.28 -30.67
N GLU A 456 -9.52 -18.72 -31.65
CA GLU A 456 -10.67 -19.21 -32.35
C GLU A 456 -10.15 -19.52 -33.76
N GLY A 457 -8.90 -19.13 -34.04
CA GLY A 457 -8.35 -19.04 -35.38
C GLY A 457 -8.50 -17.62 -35.87
N TYR A 458 -9.24 -16.77 -35.17
CA TYR A 458 -9.76 -15.59 -35.78
C TYR A 458 -8.67 -14.60 -36.04
N ILE A 459 -7.60 -14.62 -35.26
CA ILE A 459 -6.52 -13.69 -35.53
C ILE A 459 -5.24 -14.39 -35.99
N MET A 460 -4.74 -13.87 -37.11
CA MET A 460 -3.49 -14.25 -37.68
C MET A 460 -2.51 -13.46 -36.86
N GLY A 461 -2.79 -12.16 -36.71
CA GLY A 461 -2.08 -11.28 -35.74
C GLY A 461 -0.64 -10.90 -36.04
N PHE A 462 0.16 -11.86 -36.46
CA PHE A 462 1.53 -11.63 -36.78
C PHE A 462 1.80 -11.95 -38.24
N ILE A 463 2.01 -10.92 -39.05
CA ILE A 463 2.32 -11.15 -40.45
C ILE A 463 3.03 -9.97 -41.05
N SER A 464 3.98 -10.27 -41.95
CA SER A 464 4.80 -9.27 -42.64
C SER A 464 3.98 -8.67 -43.76
N LYS A 465 4.22 -7.40 -44.11
CA LYS A 465 3.45 -6.76 -45.18
C LYS A 465 3.58 -7.42 -46.54
N GLU A 466 4.78 -7.92 -46.81
CA GLU A 466 5.08 -8.60 -48.07
C GLU A 466 4.16 -9.78 -48.22
N ARG A 467 4.01 -10.55 -47.14
CA ARG A 467 3.06 -11.67 -47.10
C ARG A 467 1.65 -11.30 -46.63
N GLU A 468 1.48 -10.12 -46.03
CA GLU A 468 0.14 -9.56 -45.81
C GLU A 468 -0.46 -9.26 -47.17
N ARG A 469 0.36 -8.75 -48.09
CA ARG A 469 -0.07 -8.43 -49.44
C ARG A 469 -0.84 -9.55 -50.14
N ALA A 470 -0.49 -10.80 -49.90
CA ALA A 470 -1.25 -11.96 -50.45
C ALA A 470 -2.62 -12.28 -49.78
N ILE A 471 -3.48 -11.26 -49.70
CA ILE A 471 -4.88 -11.41 -49.35
C ILE A 471 -5.55 -10.98 -50.66
N LEU A 472 -5.62 -9.68 -50.95
CA LEU A 472 -6.45 -9.18 -52.06
C LEU A 472 -5.91 -9.52 -53.42
N SER A 473 -4.62 -9.82 -53.47
CA SER A 473 -3.94 -10.46 -54.59
C SER A 473 -4.69 -11.71 -55.00
N THR A 474 -5.02 -12.54 -54.02
CA THR A 474 -5.82 -13.77 -54.26
C THR A 474 -7.33 -13.60 -54.04
N LYS A 475 -7.73 -12.75 -53.11
CA LYS A 475 -9.12 -12.81 -52.60
C LYS A 475 -9.96 -11.60 -53.05
N PRO A 476 -11.32 -11.67 -52.90
CA PRO A 476 -12.22 -10.60 -53.37
C PRO A 476 -12.34 -9.41 -52.40
N PRO A 477 -12.55 -8.18 -52.91
CA PRO A 477 -12.60 -6.97 -52.08
C PRO A 477 -13.48 -7.09 -50.85
N GLY A 478 -12.97 -6.71 -49.67
CA GLY A 478 -13.62 -6.91 -48.36
C GLY A 478 -13.11 -8.13 -47.60
N THR A 479 -12.07 -8.80 -48.12
CA THR A 479 -11.44 -9.89 -47.39
C THR A 479 -10.46 -9.19 -46.46
N PHE A 480 -10.53 -9.51 -45.16
CA PHE A 480 -9.69 -8.87 -44.13
C PHE A 480 -8.92 -9.89 -43.29
N LEU A 481 -8.01 -9.27 -42.52
CA LEU A 481 -7.09 -9.86 -41.58
C LEU A 481 -7.17 -9.12 -40.24
N LEU A 482 -6.76 -9.81 -39.19
CA LEU A 482 -6.68 -9.31 -37.83
C LEU A 482 -5.21 -9.36 -37.50
N ARG A 483 -4.63 -8.21 -37.16
CA ARG A 483 -3.17 -8.09 -37.01
C ARG A 483 -2.81 -7.17 -35.87
N PHE A 484 -1.67 -7.46 -35.28
CA PHE A 484 -1.11 -6.65 -34.22
C PHE A 484 -0.17 -5.55 -34.69
N SER A 485 -0.24 -4.41 -34.00
CA SER A 485 0.62 -3.24 -34.28
C SER A 485 2.11 -3.48 -33.90
N GLU A 486 3.05 -3.00 -34.72
CA GLU A 486 4.49 -3.04 -34.40
C GLU A 486 5.02 -1.67 -33.96
N SER A 487 4.27 -0.64 -34.33
CA SER A 487 4.63 0.76 -34.15
C SER A 487 4.23 1.27 -32.79
N SER A 488 4.15 0.38 -31.83
CA SER A 488 3.60 0.79 -30.58
C SER A 488 4.13 -0.04 -29.44
N LYS A 489 4.33 0.67 -28.33
CA LYS A 489 4.60 0.04 -27.08
C LYS A 489 3.22 -0.32 -26.54
N GLU A 490 3.16 -1.15 -25.51
CA GLU A 490 1.87 -1.75 -25.13
C GLU A 490 1.30 -2.42 -26.42
N GLY A 491 0.07 -2.11 -26.81
CA GLY A 491 -0.44 -2.75 -28.01
C GLY A 491 -1.56 -2.06 -28.71
N GLY A 492 -1.71 -2.54 -29.94
CA GLY A 492 -2.71 -2.08 -30.83
C GLY A 492 -3.12 -3.22 -31.69
N VAL A 493 -4.31 -3.10 -32.22
CA VAL A 493 -4.91 -4.15 -33.00
C VAL A 493 -5.28 -3.54 -34.33
N THR A 494 -5.22 -4.35 -35.38
CA THR A 494 -5.43 -3.80 -36.71
C THR A 494 -6.07 -4.83 -37.69
N PHE A 495 -6.41 -4.32 -38.89
CA PHE A 495 -7.25 -5.00 -39.90
C PHE A 495 -7.04 -4.52 -41.38
N THR A 496 -7.45 -5.34 -42.35
CA THR A 496 -7.33 -5.00 -43.80
C THR A 496 -8.60 -4.38 -44.47
N TRP A 497 -8.45 -3.20 -45.08
CA TRP A 497 -9.60 -2.48 -45.63
C TRP A 497 -9.33 -2.03 -47.09
N VAL A 498 -10.09 -2.44 -48.14
CA VAL A 498 -9.59 -2.30 -49.55
C VAL A 498 -10.42 -1.49 -50.59
N GLU A 499 -9.71 -0.82 -51.50
CA GLU A 499 -10.32 0.06 -52.50
C GLU A 499 -9.69 -0.14 -53.87
N GLN A 507 -7.15 0.88 -52.61
CA GLN A 507 -6.05 1.22 -51.69
C GLN A 507 -6.14 0.18 -50.51
N ILE A 508 -5.16 -0.72 -50.31
CA ILE A 508 -5.08 -1.51 -49.03
C ILE A 508 -5.00 -0.49 -47.90
N GLN A 509 -5.86 -0.62 -46.90
CA GLN A 509 -5.89 0.35 -45.82
C GLN A 509 -5.98 -0.32 -44.46
N SER A 510 -5.83 0.52 -43.43
CA SER A 510 -5.78 0.13 -42.01
C SER A 510 -5.87 1.44 -41.21
N VAL A 511 -6.09 1.34 -39.90
CA VAL A 511 -6.35 2.55 -39.10
C VAL A 511 -5.42 2.66 -37.91
N GLU A 512 -5.30 3.90 -37.40
CA GLU A 512 -4.55 4.24 -36.20
C GLU A 512 -5.00 3.30 -35.10
N PRO A 513 -4.10 2.45 -34.62
CA PRO A 513 -4.49 1.36 -33.74
C PRO A 513 -5.09 1.92 -32.45
N TYR A 514 -6.27 1.44 -32.09
CA TYR A 514 -6.98 1.97 -30.91
C TYR A 514 -6.21 1.44 -29.73
N THR A 515 -5.92 2.35 -28.80
CA THR A 515 -5.13 2.03 -27.62
C THR A 515 -5.99 1.31 -26.60
N LYS A 516 -5.38 0.72 -25.58
CA LYS A 516 -6.17 -0.01 -24.59
C LYS A 516 -7.07 0.91 -23.83
N GLN A 517 -6.59 2.13 -23.52
CA GLN A 517 -7.49 3.12 -22.93
C GLN A 517 -8.70 3.25 -23.83
N GLN A 518 -8.44 3.45 -25.11
CA GLN A 518 -9.52 3.62 -26.08
C GLN A 518 -10.38 2.39 -26.04
N LEU A 519 -9.69 1.24 -25.94
CA LEU A 519 -10.33 -0.05 -26.08
C LEU A 519 -11.26 -0.47 -24.96
N ASN A 520 -11.21 0.22 -23.82
CA ASN A 520 -12.11 -0.06 -22.69
C ASN A 520 -13.54 -0.04 -23.15
N ASN A 521 -13.93 0.99 -23.91
CA ASN A 521 -15.32 1.21 -24.26
C ASN A 521 -15.97 0.20 -25.24
N MET A 522 -15.28 -0.23 -26.29
CA MET A 522 -15.91 -1.09 -27.30
C MET A 522 -15.00 -2.20 -27.62
N SER A 523 -15.56 -3.37 -27.82
CA SER A 523 -14.72 -4.49 -28.21
C SER A 523 -14.27 -4.33 -29.66
N PHE A 524 -13.10 -4.91 -29.94
CA PHE A 524 -12.55 -4.99 -31.27
C PHE A 524 -13.51 -5.70 -32.24
N ALA A 525 -14.11 -6.83 -31.84
CA ALA A 525 -15.17 -7.48 -32.66
C ALA A 525 -16.35 -6.54 -32.87
N GLU A 526 -16.74 -5.81 -31.80
CA GLU A 526 -17.85 -4.85 -31.83
C GLU A 526 -17.48 -3.75 -32.78
N ILE A 527 -16.25 -3.25 -32.67
CA ILE A 527 -15.78 -2.19 -33.56
C ILE A 527 -15.59 -2.64 -35.02
N ILE A 528 -15.06 -3.84 -35.22
CA ILE A 528 -14.96 -4.46 -36.55
C ILE A 528 -16.35 -4.45 -37.18
N MET A 529 -17.32 -5.07 -36.50
CA MET A 529 -18.69 -5.18 -37.01
C MET A 529 -19.39 -3.83 -36.93
N GLY A 530 -18.94 -2.96 -36.02
CA GLY A 530 -19.44 -1.58 -35.93
C GLY A 530 -19.05 -0.76 -37.13
N TYR A 531 -17.80 -0.96 -37.59
CA TYR A 531 -17.28 -0.23 -38.78
C TYR A 531 -18.30 -0.16 -39.97
N LEU A 540 -23.29 7.75 -44.40
CA LEU A 540 -22.22 7.67 -45.39
C LEU A 540 -21.08 6.63 -45.11
N VAL A 541 -21.22 5.74 -44.13
CA VAL A 541 -20.09 4.85 -43.71
C VAL A 541 -19.92 3.61 -44.63
N SER A 542 -18.79 2.90 -44.57
CA SER A 542 -18.60 1.62 -45.29
C SER A 542 -17.38 0.85 -44.75
N PRO A 543 -17.49 -0.51 -44.62
CA PRO A 543 -16.43 -1.48 -44.19
C PRO A 543 -16.13 -2.75 -45.11
N LEU A 544 -15.96 -3.94 -44.49
CA LEU A 544 -15.28 -5.15 -45.01
C LEU A 544 -16.23 -6.38 -44.91
N VAL A 545 -15.89 -7.50 -45.58
CA VAL A 545 -16.82 -8.66 -45.72
C VAL A 545 -16.35 -10.01 -45.17
N TYR A 546 -15.14 -10.47 -45.54
CA TYR A 546 -14.67 -11.87 -45.21
C TYR A 546 -13.39 -11.96 -44.34
N LEU A 547 -13.45 -12.66 -43.21
CA LEU A 547 -12.22 -12.93 -42.48
C LEU A 547 -11.54 -13.86 -43.42
N TYR A 548 -10.33 -13.48 -43.84
CA TYR A 548 -9.52 -14.35 -44.67
C TYR A 548 -9.49 -15.78 -44.05
N PRO A 549 -9.85 -16.85 -44.78
CA PRO A 549 -9.85 -16.93 -46.26
C PRO A 549 -11.21 -16.74 -47.01
N ASP A 550 -12.27 -17.43 -46.54
CA ASP A 550 -13.60 -17.47 -47.20
C ASP A 550 -14.84 -17.16 -46.28
N ILE A 551 -14.63 -16.92 -44.98
CA ILE A 551 -15.74 -16.86 -44.01
C ILE A 551 -16.39 -15.48 -44.07
N PRO A 552 -17.72 -15.42 -44.14
CA PRO A 552 -18.31 -14.09 -44.04
C PRO A 552 -18.11 -13.40 -42.68
N LYS A 553 -18.49 -12.13 -42.63
CA LYS A 553 -18.27 -11.37 -41.42
C LYS A 553 -19.10 -11.82 -40.22
N GLU A 554 -20.43 -11.79 -40.33
CA GLU A 554 -21.23 -11.90 -39.09
C GLU A 554 -21.30 -13.26 -38.45
N GLU A 555 -20.98 -14.32 -39.17
CA GLU A 555 -20.94 -15.64 -38.55
C GLU A 555 -19.78 -15.81 -37.54
N ALA A 556 -18.55 -15.49 -37.95
CA ALA A 556 -17.36 -15.48 -37.03
C ALA A 556 -17.42 -14.40 -35.91
N PHE A 557 -17.78 -13.19 -36.28
CA PHE A 557 -17.74 -12.03 -35.37
C PHE A 557 -19.03 -11.56 -34.76
N GLY A 558 -20.18 -12.12 -35.16
CA GLY A 558 -21.49 -11.80 -34.56
C GLY A 558 -21.76 -12.38 -33.17
OH ALY A 559 -19.84 -20.21 -26.21
CH ALY A 559 -19.55 -19.18 -26.82
CH3 ALY A 559 -18.63 -18.16 -26.14
NZ ALY A 559 -20.05 -18.98 -28.07
CE ALY A 559 -19.73 -17.78 -28.80
CD ALY A 559 -20.25 -17.54 -30.21
CG ALY A 559 -20.34 -16.03 -30.26
CB ALY A 559 -20.58 -15.40 -31.61
CA ALY A 559 -21.30 -14.08 -31.50
N ALY A 559 -21.19 -13.53 -32.85
C ALY A 559 -20.70 -13.22 -30.38
O ALY A 559 -21.21 -13.23 -29.25
N TYR A 560 -19.62 -12.48 -30.68
CA TYR A 560 -18.92 -11.61 -29.69
C TYR A 560 -19.40 -10.16 -29.83
N CYS A 561 -20.38 -9.97 -30.71
CA CYS A 561 -21.03 -8.70 -30.85
C CYS A 561 -22.13 -8.60 -29.81
N ARG A 562 -22.68 -7.39 -29.66
CA ARG A 562 -23.71 -7.08 -28.64
C ARG A 562 -23.24 -7.45 -27.22
N ALA A 577 -40.14 11.68 -21.37
CA ALA A 577 -39.39 10.80 -22.24
C ALA A 577 -38.55 9.88 -21.37
N PRO A 578 -37.62 9.19 -22.02
CA PRO A 578 -36.54 8.46 -21.39
C PRO A 578 -35.13 8.74 -21.99
N PTR A 579 -34.77 10.01 -22.23
CA PTR A 579 -33.52 10.38 -22.94
C PTR A 579 -33.31 9.58 -24.25
O PTR A 579 -34.26 9.47 -25.03
CB PTR A 579 -32.29 10.23 -22.04
CG PTR A 579 -32.10 11.08 -20.72
CD1 PTR A 579 -31.80 10.41 -19.52
CD2 PTR A 579 -32.15 12.52 -20.63
CE1 PTR A 579 -31.59 11.16 -18.26
CE2 PTR A 579 -31.95 13.26 -19.39
CZ PTR A 579 -31.66 12.59 -18.15
OH PTR A 579 -31.47 13.33 -16.87
P PTR A 579 -31.66 12.71 -15.36
O1P PTR A 579 -33.05 12.11 -15.24
O2P PTR A 579 -31.54 13.82 -14.29
O3P PTR A 579 -30.54 11.71 -15.32
N LEU A 580 -32.10 9.01 -24.49
CA LEU A 580 -31.78 8.36 -25.74
C LEU A 580 -30.55 7.50 -25.66
N LYS A 581 -30.67 6.20 -25.85
CA LYS A 581 -29.52 5.28 -25.66
C LYS A 581 -28.56 5.45 -26.83
N THR A 582 -27.26 5.55 -26.55
CA THR A 582 -26.26 5.87 -27.59
C THR A 582 -24.98 5.10 -27.32
N LYS A 583 -24.36 4.62 -28.39
CA LYS A 583 -23.08 3.90 -28.33
C LYS A 583 -22.35 4.32 -29.58
N PHE A 584 -21.03 4.33 -29.61
CA PHE A 584 -20.31 5.02 -30.73
C PHE A 584 -19.47 4.14 -31.60
N ILE A 585 -19.32 4.62 -32.83
CA ILE A 585 -18.52 3.96 -33.84
C ILE A 585 -17.88 5.08 -34.65
N CYS A 586 -16.60 5.26 -34.43
CA CYS A 586 -15.72 6.09 -35.23
C CYS A 586 -15.84 5.93 -36.73
N VAL A 587 -15.96 4.66 -37.17
CA VAL A 587 -16.01 4.22 -38.57
C VAL A 587 -14.94 4.89 -39.52
N THR A 588 -15.30 5.31 -40.75
CA THR A 588 -14.31 5.82 -41.75
C THR A 588 -13.56 7.17 -41.42
N PRO A 589 -14.33 8.29 -41.16
CA PRO A 589 -13.97 9.71 -40.98
C PRO A 589 -12.55 10.13 -41.09
N VAL B 10 -8.26 45.51 6.96
CA VAL B 10 -9.39 44.69 7.49
C VAL B 10 -9.59 44.91 9.01
N VAL B 11 -9.23 46.09 9.51
CA VAL B 11 -9.08 46.33 10.96
C VAL B 11 -10.49 46.67 11.51
N THR B 12 -10.74 46.51 12.81
CA THR B 12 -12.06 46.76 13.42
C THR B 12 -11.91 47.73 14.56
N GLU B 13 -13.03 48.27 15.04
CA GLU B 13 -13.08 49.25 16.13
C GLU B 13 -12.37 48.71 17.35
N LYS B 14 -12.72 47.49 17.70
CA LYS B 14 -12.28 46.89 18.92
C LYS B 14 -10.82 46.50 18.90
N GLN B 15 -10.37 46.19 17.71
CA GLN B 15 -9.00 45.77 17.46
C GLN B 15 -8.12 46.99 17.62
N GLN B 16 -8.60 48.12 17.15
CA GLN B 16 -7.86 49.37 17.32
C GLN B 16 -7.73 49.75 18.79
N MET B 17 -8.77 49.54 19.60
CA MET B 17 -8.64 49.76 21.07
C MET B 17 -7.59 48.81 21.72
N LEU B 18 -7.65 47.52 21.35
CA LEU B 18 -6.75 46.51 21.89
C LEU B 18 -5.29 46.88 21.61
N GLU B 19 -5.02 47.25 20.38
CA GLU B 19 -3.72 47.71 20.02
C GLU B 19 -3.35 48.98 20.83
N GLN B 20 -4.30 49.90 20.99
CA GLN B 20 -4.12 51.09 21.84
C GLN B 20 -3.83 50.69 23.28
N HIS B 21 -4.58 49.75 23.84
CA HIS B 21 -4.35 49.39 25.23
C HIS B 21 -3.04 48.68 25.39
N LEU B 22 -2.62 47.99 24.36
CA LEU B 22 -1.34 47.33 24.47
C LEU B 22 -0.18 48.32 24.45
N GLN B 23 -0.28 49.41 23.67
CA GLN B 23 0.81 50.41 23.66
C GLN B 23 0.82 51.13 24.98
N ASP B 24 -0.35 51.29 25.56
CA ASP B 24 -0.47 51.82 26.91
C ASP B 24 0.26 51.02 27.98
N VAL B 25 0.07 49.72 27.94
CA VAL B 25 0.68 48.81 28.89
C VAL B 25 2.19 48.88 28.75
N ARG B 26 2.65 49.18 27.55
CA ARG B 26 4.05 49.23 27.30
C ARG B 26 4.58 50.49 27.92
N LYS B 27 3.80 51.58 27.79
CA LYS B 27 4.10 52.88 28.34
C LYS B 27 4.23 52.84 29.82
N ARG B 28 3.28 52.21 30.47
CA ARG B 28 3.39 52.05 31.90
C ARG B 28 4.53 51.25 32.43
N VAL B 29 4.95 50.25 31.68
CA VAL B 29 6.07 49.42 32.10
C VAL B 29 7.30 50.29 31.95
N GLN B 30 7.32 51.08 30.89
CA GLN B 30 8.41 52.03 30.67
C GLN B 30 8.49 53.08 31.73
N ASP B 31 7.36 53.74 32.03
CA ASP B 31 7.29 54.74 33.11
C ASP B 31 7.73 54.20 34.45
N LEU B 32 7.34 52.97 34.73
CA LEU B 32 7.69 52.29 35.96
C LEU B 32 9.11 51.92 36.04
N GLU B 33 9.74 51.68 34.89
CA GLU B 33 11.11 51.28 34.87
C GLU B 33 11.94 52.43 35.36
N GLN B 34 11.55 53.60 34.90
CA GLN B 34 12.23 54.83 35.20
C GLN B 34 12.11 55.14 36.70
N LYS B 35 10.92 54.90 37.25
CA LYS B 35 10.70 55.06 38.66
C LYS B 35 11.55 54.16 39.49
N MET B 36 11.82 52.95 39.00
CA MET B 36 12.71 52.00 39.68
C MET B 36 14.15 52.46 39.68
N LYS B 37 14.56 53.15 38.63
CA LYS B 37 15.93 53.63 38.62
C LYS B 37 16.11 54.74 39.63
N VAL B 38 15.08 55.58 39.77
CA VAL B 38 15.14 56.70 40.69
C VAL B 38 15.17 56.19 42.12
N VAL B 39 14.37 55.16 42.40
CA VAL B 39 14.23 54.65 43.75
C VAL B 39 15.50 53.90 44.13
N GLU B 40 16.04 53.20 43.16
CA GLU B 40 17.24 52.47 43.41
C GLU B 40 18.44 53.43 43.58
N ASN B 41 18.54 54.51 42.84
CA ASN B 41 19.63 55.40 43.10
C ASN B 41 19.54 56.04 44.43
N LEU B 42 18.35 56.45 44.80
CA LEU B 42 18.15 57.08 46.09
C LEU B 42 18.46 56.12 47.21
N GLN B 43 18.15 54.84 47.00
CA GLN B 43 18.43 53.86 48.01
C GLN B 43 19.93 53.61 48.12
N ASP B 44 20.65 53.76 46.99
CA ASP B 44 22.10 53.65 47.02
C ASP B 44 22.64 54.74 47.84
N ASP B 45 22.16 55.96 47.53
CA ASP B 45 22.53 57.19 48.20
C ASP B 45 22.23 57.13 49.67
N PHE B 46 21.08 56.59 50.05
CA PHE B 46 20.69 56.52 51.45
C PHE B 46 21.65 55.68 52.23
N ASP B 47 22.07 54.58 51.62
CA ASP B 47 23.02 53.62 52.19
C ASP B 47 24.37 54.22 52.39
N PHE B 48 24.83 54.93 51.38
CA PHE B 48 26.15 55.47 51.40
C PHE B 48 26.29 56.51 52.49
N ASN B 49 25.29 57.39 52.60
CA ASN B 49 25.22 58.39 53.68
C ASN B 49 25.05 57.73 55.05
N TYR B 50 24.14 56.77 55.13
CA TYR B 50 23.94 56.02 56.36
C TYR B 50 25.19 55.39 56.88
N LYS B 51 25.90 54.72 55.97
CA LYS B 51 27.16 54.04 56.28
C LYS B 51 28.20 55.04 56.75
N THR B 52 28.26 56.20 56.08
CA THR B 52 29.20 57.29 56.42
C THR B 52 28.98 57.81 57.81
N LEU B 53 27.72 57.88 58.24
CA LEU B 53 27.42 58.43 59.53
C LEU B 53 27.87 57.50 60.64
N LYS B 54 27.59 56.20 60.43
CA LYS B 54 28.02 55.18 61.37
C LYS B 54 29.55 55.17 61.47
N SER B 55 30.19 55.24 60.31
CA SER B 55 31.67 55.44 60.19
C SER B 55 32.17 56.63 61.02
N GLN B 56 31.41 57.72 61.03
CA GLN B 56 31.71 58.88 61.88
C GLN B 56 31.79 58.59 63.39
N GLY B 57 30.95 57.71 63.95
CA GLY B 57 31.17 57.19 65.33
C GLY B 57 31.37 58.16 66.48
N SER B 68 26.27 69.91 65.30
CA SER B 68 25.33 70.54 64.36
C SER B 68 25.50 70.08 62.92
N VAL B 69 26.72 70.11 62.38
CA VAL B 69 26.93 69.72 60.95
C VAL B 69 26.58 68.24 60.75
N THR B 70 27.18 67.40 61.58
CA THR B 70 26.80 66.02 61.76
C THR B 70 25.27 65.82 61.93
N ARG B 71 24.66 66.67 62.76
CA ARG B 71 23.21 66.62 63.09
C ARG B 71 22.29 66.84 61.88
N GLN B 72 22.70 67.72 60.93
CA GLN B 72 21.87 67.95 59.75
C GLN B 72 21.98 66.80 58.75
N LYS B 73 23.06 66.04 58.84
CA LYS B 73 23.16 64.84 58.02
C LYS B 73 22.21 63.77 58.44
N MET B 74 21.96 63.67 59.73
CA MET B 74 20.94 62.78 60.23
C MET B 74 19.57 63.27 59.76
N GLN B 75 19.34 64.58 59.75
CA GLN B 75 18.10 65.03 59.15
C GLN B 75 17.90 64.65 57.70
N GLN B 76 18.96 64.57 56.93
CA GLN B 76 18.90 64.19 55.51
C GLN B 76 18.68 62.71 55.31
N LEU B 77 19.24 61.93 56.21
CA LEU B 77 19.04 60.53 56.18
C LEU B 77 17.61 60.21 56.44
N GLU B 78 17.10 60.88 57.48
CA GLU B 78 15.71 60.82 57.87
C GLU B 78 14.81 61.16 56.70
N GLN B 79 15.10 62.26 56.01
CA GLN B 79 14.26 62.69 54.90
C GLN B 79 14.38 61.83 53.61
N MET B 80 15.54 61.22 53.43
CA MET B 80 15.78 60.39 52.27
C MET B 80 14.94 59.18 52.38
N LEU B 81 14.90 58.67 53.60
CA LEU B 81 14.11 57.51 53.94
C LEU B 81 12.64 57.75 53.76
N THR B 82 12.15 58.91 54.15
CA THR B 82 10.75 59.16 53.97
C THR B 82 10.39 59.12 52.51
N ALA B 83 11.27 59.64 51.67
CA ALA B 83 11.01 59.74 50.25
C ALA B 83 11.14 58.38 49.62
N LEU B 84 11.98 57.56 50.20
CA LEU B 84 12.09 56.21 49.75
C LEU B 84 10.83 55.40 49.91
N ASP B 85 10.31 55.44 51.13
CA ASP B 85 9.06 54.78 51.46
C ASP B 85 7.95 55.32 50.57
N GLN B 86 7.88 56.65 50.39
CA GLN B 86 6.90 57.26 49.48
C GLN B 86 7.02 56.65 48.08
N MET B 87 8.24 56.41 47.58
CA MET B 87 8.45 55.98 46.21
C MET B 87 8.12 54.54 46.06
N ARG B 88 8.39 53.74 47.07
CA ARG B 88 7.92 52.34 47.06
C ARG B 88 6.42 52.23 46.97
N ARG B 89 5.72 53.03 47.78
CA ARG B 89 4.27 53.02 47.82
C ARG B 89 3.72 53.42 46.51
N SER B 90 4.32 54.41 45.93
CA SER B 90 3.86 54.84 44.67
C SER B 90 3.99 53.72 43.63
N ILE B 91 5.14 53.04 43.64
CA ILE B 91 5.48 52.09 42.63
C ILE B 91 4.58 50.89 42.76
N VAL B 92 4.50 50.41 43.99
CA VAL B 92 3.75 49.24 44.33
C VAL B 92 2.34 49.46 43.95
N SER B 93 1.82 50.61 44.26
CA SER B 93 0.47 50.92 43.88
C SER B 93 0.27 50.89 42.34
N GLU B 94 1.22 51.38 41.58
CA GLU B 94 1.07 51.48 40.12
C GLU B 94 1.38 50.15 39.51
N LEU B 95 2.11 49.29 40.20
CA LEU B 95 2.29 47.97 39.67
C LEU B 95 0.97 47.23 39.67
N ALA B 96 0.26 47.32 40.76
CA ALA B 96 -1.03 46.69 40.86
C ALA B 96 -2.06 47.18 39.85
N GLY B 97 -1.97 48.44 39.50
CA GLY B 97 -2.92 48.99 38.59
C GLY B 97 -2.70 48.38 37.24
N LEU B 98 -1.43 48.16 36.92
CA LEU B 98 -0.99 47.61 35.65
C LEU B 98 -1.40 46.17 35.50
N LEU B 99 -1.29 45.43 36.60
CA LEU B 99 -1.67 44.04 36.61
C LEU B 99 -3.15 43.86 36.29
N SER B 100 -4.00 44.69 36.85
CA SER B 100 -5.41 44.70 36.54
C SER B 100 -5.65 45.01 35.09
N ALA B 101 -4.89 45.92 34.56
CA ALA B 101 -5.11 46.31 33.20
C ALA B 101 -4.67 45.24 32.23
N MET B 102 -3.53 44.63 32.53
CA MET B 102 -3.02 43.48 31.77
C MET B 102 -3.97 42.34 31.89
N GLU B 103 -4.47 42.10 33.10
CA GLU B 103 -5.44 41.07 33.39
C GLU B 103 -6.65 41.31 32.59
N TYR B 104 -7.05 42.54 32.45
CA TYR B 104 -8.28 42.75 31.76
C TYR B 104 -8.06 42.74 30.29
N VAL B 105 -6.93 43.24 29.82
CA VAL B 105 -6.62 43.21 28.38
C VAL B 105 -6.24 41.84 27.85
N GLN B 106 -5.74 40.97 28.70
CA GLN B 106 -5.44 39.62 28.27
C GLN B 106 -6.67 38.86 27.90
N LYS B 107 -7.74 39.07 28.61
CA LYS B 107 -8.93 38.30 28.33
C LYS B 107 -9.54 38.75 27.02
N THR B 108 -9.28 39.96 26.61
CA THR B 108 -9.78 40.34 25.34
C THR B 108 -8.92 39.75 24.23
N LEU B 109 -7.62 39.66 24.50
CA LEU B 109 -6.69 39.08 23.55
C LEU B 109 -7.06 37.64 23.40
N THR B 110 -7.17 36.91 24.52
CA THR B 110 -7.21 35.48 24.46
C THR B 110 -8.60 35.01 24.27
N ASP B 111 -9.61 35.57 24.94
CA ASP B 111 -10.97 35.00 24.85
C ASP B 111 -11.83 35.65 23.78
N GLU B 112 -11.30 36.57 23.02
CA GLU B 112 -12.18 37.31 22.14
C GLU B 112 -11.47 37.35 20.79
N GLU B 113 -10.28 37.94 20.71
CA GLU B 113 -9.61 37.99 19.40
C GLU B 113 -9.01 36.64 18.92
N LEU B 114 -8.44 35.87 19.85
CA LEU B 114 -7.88 34.61 19.49
C LEU B 114 -8.98 33.63 19.17
N ALA B 115 -10.02 33.65 19.98
CA ALA B 115 -11.11 32.75 19.83
C ALA B 115 -11.85 33.01 18.53
N ASP B 116 -11.77 34.23 18.00
CA ASP B 116 -12.42 34.52 16.72
C ASP B 116 -11.55 33.95 15.62
N TRP B 117 -10.24 34.04 15.75
CA TRP B 117 -9.39 33.53 14.71
C TRP B 117 -9.65 32.00 14.63
N LYS B 118 -9.84 31.37 15.78
CA LYS B 118 -10.14 29.93 15.82
C LYS B 118 -11.41 29.56 15.08
N ARG B 119 -12.44 30.39 15.16
CA ARG B 119 -13.62 30.13 14.37
C ARG B 119 -13.32 30.29 12.91
N ARG B 120 -12.53 31.28 12.59
CA ARG B 120 -12.29 31.58 11.20
C ARG B 120 -11.53 30.48 10.57
N GLN B 121 -10.74 29.76 11.37
CA GLN B 121 -10.07 28.54 10.93
C GLN B 121 -11.06 27.49 10.54
N GLN B 122 -12.03 27.24 11.40
CA GLN B 122 -13.10 26.32 11.03
C GLN B 122 -13.80 26.65 9.71
N ILE B 123 -13.96 27.91 9.42
CA ILE B 123 -14.69 28.35 8.24
C ILE B 123 -13.75 28.30 7.06
N ALA B 124 -12.50 28.48 7.33
CA ALA B 124 -11.52 28.35 6.27
C ALA B 124 -11.43 26.97 5.75
N CYS B 125 -11.50 25.98 6.65
CA CYS B 125 -11.21 24.59 6.33
C CYS B 125 -12.24 24.02 5.39
N ILE B 126 -13.45 24.48 5.60
CA ILE B 126 -14.57 24.02 4.83
C ILE B 126 -14.78 24.88 3.63
N GLY B 127 -13.91 25.86 3.40
CA GLY B 127 -13.93 26.65 2.18
C GLY B 127 -14.39 28.10 2.26
N GLY B 128 -14.56 28.63 3.47
CA GLY B 128 -14.91 30.07 3.60
C GLY B 128 -13.82 31.10 3.35
N PRO B 129 -14.16 32.37 3.56
CA PRO B 129 -13.23 33.44 3.63
C PRO B 129 -12.08 33.10 4.51
N PRO B 130 -10.89 32.96 3.90
CA PRO B 130 -9.69 32.53 4.64
C PRO B 130 -8.95 33.65 5.46
N ASN B 131 -9.61 34.50 6.30
CA ASN B 131 -8.74 35.36 7.13
C ASN B 131 -8.17 34.57 8.28
N ILE B 132 -7.01 34.02 7.99
CA ILE B 132 -6.36 33.02 8.79
C ILE B 132 -5.09 33.55 9.39
N CYS B 133 -4.74 34.80 9.06
CA CYS B 133 -3.42 35.31 9.37
C CYS B 133 -3.25 35.53 10.85
N LEU B 134 -2.16 35.03 11.41
CA LEU B 134 -1.94 35.17 12.82
C LEU B 134 -0.96 36.26 13.13
N ASP B 135 -0.54 37.04 12.13
CA ASP B 135 0.59 37.94 12.32
C ASP B 135 0.30 38.98 13.35
N ARG B 136 -0.85 39.63 13.19
CA ARG B 136 -1.39 40.53 14.21
C ARG B 136 -1.52 39.92 15.60
N LEU B 137 -2.20 38.79 15.69
CA LEU B 137 -2.33 38.18 16.98
C LEU B 137 -0.98 37.92 17.63
N GLU B 138 -0.02 37.42 16.87
CA GLU B 138 1.26 37.05 17.41
C GLU B 138 1.93 38.30 17.90
N ASN B 139 1.86 39.36 17.11
CA ASN B 139 2.39 40.67 17.54
C ASN B 139 1.82 41.16 18.85
N TRP B 140 0.50 41.23 18.96
CA TRP B 140 -0.15 41.60 20.24
C TRP B 140 0.27 40.74 21.44
N ILE B 141 0.33 39.44 21.23
CA ILE B 141 0.60 38.53 22.30
C ILE B 141 2.03 38.67 22.72
N THR B 142 2.94 38.80 21.79
CA THR B 142 4.33 38.94 22.14
C THR B 142 4.58 40.27 22.75
N SER B 143 3.90 41.32 22.27
CA SER B 143 3.99 42.64 22.91
C SER B 143 3.58 42.50 24.38
N LEU B 144 2.41 41.91 24.64
CA LEU B 144 1.97 41.74 26.01
C LEU B 144 2.92 40.88 26.88
N ALA B 145 3.49 39.82 26.29
CA ALA B 145 4.39 38.88 26.98
C ALA B 145 5.65 39.62 27.40
N GLU B 146 6.10 40.45 26.49
CA GLU B 146 7.32 41.25 26.69
C GLU B 146 7.05 42.19 27.87
N SER B 147 5.87 42.78 27.87
CA SER B 147 5.48 43.69 28.91
C SER B 147 5.44 43.00 30.27
N GLN B 148 4.92 41.79 30.32
CA GLN B 148 4.81 41.08 31.60
C GLN B 148 6.11 40.60 32.14
N LEU B 149 7.01 40.23 31.26
CA LEU B 149 8.21 39.64 31.79
C LEU B 149 9.08 40.71 32.38
N GLN B 150 9.01 41.91 31.79
CA GLN B 150 9.64 43.06 32.35
C GLN B 150 8.96 43.50 33.66
N THR B 151 7.64 43.55 33.72
CA THR B 151 6.95 43.83 34.95
C THR B 151 7.47 42.90 36.07
N ARG B 152 7.66 41.61 35.76
CA ARG B 152 8.14 40.66 36.76
C ARG B 152 9.58 40.91 37.16
N GLN B 153 10.40 41.38 36.23
CA GLN B 153 11.76 41.68 36.59
C GLN B 153 11.80 42.90 37.47
N GLN B 154 10.85 43.82 37.31
CA GLN B 154 10.61 44.95 38.23
C GLN B 154 10.19 44.53 39.64
N ILE B 155 9.33 43.51 39.73
CA ILE B 155 8.90 43.00 41.04
C ILE B 155 10.04 42.29 41.75
N LYS B 156 10.89 41.64 40.97
CA LYS B 156 12.06 40.97 41.50
C LYS B 156 13.00 42.03 42.05
N LYS B 157 13.02 43.17 41.39
CA LYS B 157 13.88 44.23 41.79
C LYS B 157 13.47 44.80 43.13
N LEU B 158 12.17 44.99 43.28
CA LEU B 158 11.63 45.49 44.52
C LEU B 158 12.02 44.55 45.64
N GLU B 159 11.90 43.26 45.39
CA GLU B 159 12.30 42.24 46.37
C GLU B 159 13.75 42.37 46.82
N GLU B 160 14.64 42.60 45.84
CA GLU B 160 16.09 42.74 46.10
C GLU B 160 16.27 43.97 46.98
N LEU B 161 15.50 45.01 46.70
CA LEU B 161 15.62 46.24 47.46
C LEU B 161 15.21 46.15 48.95
N GLN B 162 14.18 45.35 49.27
CA GLN B 162 13.71 45.13 50.65
C GLN B 162 14.70 44.28 51.44
N GLN B 163 15.40 43.40 50.73
CA GLN B 163 16.46 42.59 51.35
C GLN B 163 17.53 43.48 51.89
N LYS B 164 17.78 44.57 51.16
CA LYS B 164 18.75 45.57 51.56
C LYS B 164 18.23 46.54 52.58
N VAL B 165 17.06 47.14 52.37
CA VAL B 165 16.58 48.22 53.26
C VAL B 165 15.12 48.04 53.58
N SER B 166 14.82 47.68 54.82
CA SER B 166 13.44 47.56 55.26
C SER B 166 13.17 48.13 56.66
N TYR B 167 11.88 48.35 56.88
CA TYR B 167 11.37 49.03 58.04
C TYR B 167 9.96 48.47 58.34
N LYS B 168 9.39 48.92 59.45
CA LYS B 168 8.05 48.53 59.85
C LYS B 168 7.11 49.29 58.93
N GLY B 169 6.22 48.60 58.24
CA GLY B 169 5.22 49.23 57.39
C GLY B 169 5.52 49.17 55.90
N ASP B 170 6.69 48.66 55.58
CA ASP B 170 7.27 48.64 54.22
C ASP B 170 6.36 47.97 53.21
N PRO B 171 5.87 48.70 52.21
CA PRO B 171 4.93 48.11 51.30
C PRO B 171 5.46 47.08 50.31
N ILE B 172 6.76 46.89 50.25
CA ILE B 172 7.24 45.81 49.46
C ILE B 172 6.91 44.57 50.28
N VAL B 173 7.17 44.58 51.59
CA VAL B 173 6.92 43.38 52.43
C VAL B 173 5.44 42.95 52.38
N GLN B 174 4.58 43.95 52.36
CA GLN B 174 3.19 43.76 52.41
C GLN B 174 2.53 43.38 51.07
N HIS B 175 2.96 43.95 49.96
CA HIS B 175 2.30 43.66 48.68
C HIS B 175 3.03 42.80 47.67
N ARG B 176 4.31 42.57 47.89
CA ARG B 176 5.11 42.06 46.80
C ARG B 176 4.70 40.67 46.40
N PRO B 177 4.45 39.80 47.36
CA PRO B 177 4.04 38.46 46.95
C PRO B 177 2.79 38.37 46.07
N MET B 178 1.80 39.23 46.27
CA MET B 178 0.57 39.24 45.45
C MET B 178 0.88 39.67 44.04
N LEU B 179 1.70 40.70 43.92
CA LEU B 179 2.14 41.24 42.63
C LEU B 179 2.88 40.18 41.85
N GLU B 180 3.75 39.45 42.53
CA GLU B 180 4.42 38.38 41.86
C GLU B 180 3.48 37.27 41.49
N GLU B 181 2.51 37.00 42.33
CA GLU B 181 1.60 35.92 42.08
C GLU B 181 0.71 36.22 40.87
N ARG B 182 0.36 37.48 40.67
CA ARG B 182 -0.60 37.84 39.64
C ARG B 182 0.09 37.80 38.33
N ILE B 183 1.36 38.21 38.33
CA ILE B 183 2.07 38.34 37.09
C ILE B 183 2.50 36.98 36.61
N VAL B 184 2.80 36.06 37.51
CA VAL B 184 3.20 34.73 37.11
C VAL B 184 2.03 34.04 36.51
N GLU B 185 0.86 34.19 37.09
CA GLU B 185 -0.33 33.51 36.62
C GLU B 185 -0.79 33.99 35.25
N LEU B 186 -0.55 35.28 35.03
CA LEU B 186 -0.81 35.95 33.76
C LEU B 186 0.04 35.45 32.63
N PHE B 187 1.32 35.28 32.90
CA PHE B 187 2.27 34.97 31.88
C PHE B 187 2.05 33.54 31.55
N ARG B 188 1.82 32.78 32.61
CA ARG B 188 1.66 31.35 32.53
C ARG B 188 0.45 31.01 31.64
N ASN B 189 -0.66 31.77 31.73
CA ASN B 189 -1.84 31.53 30.88
C ASN B 189 -1.73 32.12 29.48
N LEU B 190 -0.92 33.12 29.33
CA LEU B 190 -0.78 33.72 28.05
C LEU B 190 0.07 32.74 27.23
N MET B 191 1.04 32.09 27.89
CA MET B 191 1.88 31.09 27.24
C MET B 191 1.09 29.95 26.80
N LYS B 192 0.16 29.53 27.62
CA LYS B 192 -0.74 28.46 27.25
C LYS B 192 -1.68 28.74 26.13
N SER B 193 -2.17 29.95 26.03
CA SER B 193 -3.09 30.29 24.97
C SER B 193 -2.37 30.43 23.66
N ALA B 194 -1.08 30.70 23.74
CA ALA B 194 -0.34 31.06 22.57
C ALA B 194 0.01 29.83 21.81
N PHE B 195 -0.01 28.64 22.42
CA PHE B 195 0.34 27.43 21.66
C PHE B 195 -0.89 27.00 20.87
N VAL B 196 -0.86 27.14 19.54
CA VAL B 196 -2.00 26.83 18.69
C VAL B 196 -1.66 25.97 17.48
N VAL B 197 -2.69 25.46 16.85
CA VAL B 197 -2.54 24.62 15.68
C VAL B 197 -2.74 25.51 14.49
N GLU B 198 -1.68 25.78 13.79
CA GLU B 198 -1.72 26.67 12.67
C GLU B 198 -2.28 26.00 11.46
N ARG B 199 -1.89 24.74 11.20
CA ARG B 199 -2.49 24.00 10.07
C ARG B 199 -3.09 22.75 10.56
N GLN B 200 -4.36 22.54 10.25
CA GLN B 200 -5.07 21.43 10.83
C GLN B 200 -4.61 20.19 10.07
N PRO B 201 -4.69 18.97 10.66
CA PRO B 201 -4.22 17.77 9.96
C PRO B 201 -4.87 17.66 8.62
N CYS B 202 -4.09 17.33 7.61
CA CYS B 202 -4.62 17.23 6.29
C CYS B 202 -3.72 16.41 5.42
N MET B 203 -4.29 15.67 4.49
CA MET B 203 -3.45 14.87 3.56
C MET B 203 -2.98 15.79 2.46
N PRO B 204 -1.68 15.85 2.24
CA PRO B 204 -1.18 16.59 1.14
C PRO B 204 -1.91 16.38 -0.15
N MET B 205 -2.38 15.17 -0.36
CA MET B 205 -3.01 14.71 -1.58
C MET B 205 -4.44 15.23 -1.74
N HIS B 206 -5.05 15.64 -0.63
CA HIS B 206 -6.44 16.17 -0.60
C HIS B 206 -6.47 17.48 0.14
N PRO B 207 -5.90 18.48 -0.49
CA PRO B 207 -5.73 19.75 0.16
C PRO B 207 -7.03 20.45 0.49
N ASP B 208 -8.07 20.12 -0.24
CA ASP B 208 -9.33 20.74 -0.05
C ASP B 208 -10.21 19.99 1.00
N ARG B 209 -9.72 18.88 1.58
CA ARG B 209 -10.48 18.13 2.57
C ARG B 209 -9.63 17.84 3.82
N PRO B 210 -9.30 18.87 4.59
CA PRO B 210 -8.60 18.66 5.84
C PRO B 210 -9.50 18.09 6.89
N LEU B 211 -8.85 17.59 7.92
CA LEU B 211 -9.48 16.88 8.99
C LEU B 211 -10.13 15.53 8.56
N VAL B 212 -9.61 14.97 7.46
CA VAL B 212 -9.96 13.67 7.11
C VAL B 212 -8.68 12.88 6.78
N ILE B 213 -8.44 11.78 7.49
CA ILE B 213 -7.18 11.09 7.37
C ILE B 213 -7.50 9.67 7.09
N LYS B 214 -6.88 9.15 6.06
CA LYS B 214 -7.00 7.75 5.74
C LYS B 214 -5.81 7.05 6.31
N THR B 215 -6.05 5.80 6.77
CA THR B 215 -5.00 5.00 7.38
C THR B 215 -3.96 4.66 6.36
N GLY B 216 -2.68 4.75 6.73
CA GLY B 216 -1.61 4.45 5.80
C GLY B 216 -1.11 5.58 4.96
N VAL B 217 -1.95 6.55 4.59
CA VAL B 217 -1.60 7.72 3.78
C VAL B 217 -1.11 8.84 4.66
N GLN B 218 -0.16 9.63 4.17
CA GLN B 218 0.46 10.72 4.97
C GLN B 218 -0.35 11.99 5.13
N PHE B 219 -0.24 12.57 6.32
CA PHE B 219 -0.90 13.84 6.58
C PHE B 219 0.07 14.75 7.30
N THR B 220 -0.23 16.05 7.28
CA THR B 220 0.66 17.09 7.76
C THR B 220 -0.04 18.00 8.73
N THR B 221 0.61 18.40 9.80
CA THR B 221 -0.03 19.38 10.70
C THR B 221 1.04 20.28 11.31
N LYS B 222 0.69 21.47 11.72
CA LYS B 222 1.68 22.50 12.12
C LYS B 222 1.17 23.24 13.39
N VAL B 223 2.07 23.45 14.34
CA VAL B 223 1.75 24.27 15.50
C VAL B 223 2.67 25.45 15.58
N ARG B 224 2.23 26.44 16.30
CA ARG B 224 2.98 27.65 16.44
C ARG B 224 2.82 28.12 17.87
N LEU B 225 3.89 28.68 18.42
CA LEU B 225 3.82 29.36 19.70
C LEU B 225 3.85 30.83 19.37
N LEU B 226 2.79 31.55 19.69
CA LEU B 226 2.65 32.94 19.26
C LEU B 226 3.43 33.91 20.19
N VAL B 227 4.13 33.39 21.19
CA VAL B 227 4.97 34.20 22.02
C VAL B 227 6.30 34.14 21.33
N LYS B 228 6.65 35.23 20.67
CA LYS B 228 7.74 35.21 19.78
C LYS B 228 9.08 35.44 20.45
N PHE B 229 9.56 34.42 21.12
CA PHE B 229 10.83 34.48 21.85
C PHE B 229 11.93 33.74 21.17
N PRO B 230 12.98 34.43 20.79
CA PRO B 230 14.16 33.83 20.16
C PRO B 230 15.03 32.96 20.98
N GLU B 231 14.89 32.97 22.28
CA GLU B 231 15.77 32.22 23.12
C GLU B 231 15.20 30.86 23.20
N LEU B 232 13.95 30.68 22.75
CA LEU B 232 13.37 29.37 22.76
C LEU B 232 13.61 28.62 21.45
N ASN B 233 14.28 29.23 20.48
CA ASN B 233 14.50 28.61 19.18
C ASN B 233 15.26 27.34 19.44
N TYR B 234 14.75 26.23 18.89
CA TYR B 234 15.31 24.87 19.04
C TYR B 234 15.26 24.39 20.48
N GLN B 235 14.51 25.04 21.34
CA GLN B 235 14.49 24.59 22.74
C GLN B 235 13.43 23.55 23.04
N LEU B 236 12.28 23.63 22.39
CA LEU B 236 11.14 22.78 22.76
C LEU B 236 10.87 21.63 21.81
N LYS B 237 10.57 20.47 22.36
CA LYS B 237 10.10 19.43 21.51
C LYS B 237 8.60 19.23 21.70
N ILE B 238 7.90 19.18 20.58
CA ILE B 238 6.49 18.91 20.55
C ILE B 238 6.23 17.46 20.25
N LYS B 239 5.37 16.85 21.07
CA LYS B 239 4.97 15.48 20.82
C LYS B 239 3.60 15.40 20.28
N VAL B 240 3.34 14.74 19.17
CA VAL B 240 1.97 14.61 18.70
C VAL B 240 1.41 13.23 18.96
N CYS B 241 0.11 13.10 19.07
CA CYS B 241 -0.48 11.76 19.16
C CYS B 241 -1.99 11.80 19.00
N ILE B 242 -2.62 10.66 18.95
CA ILE B 242 -4.04 10.59 18.66
C ILE B 242 -4.67 9.76 19.76
N ASP B 243 -5.94 10.00 20.01
CA ASP B 243 -6.69 9.38 21.06
C ASP B 243 -6.01 9.33 22.47
N LYS B 244 -5.30 10.41 22.82
CA LYS B 244 -4.56 10.49 24.07
C LYS B 244 -5.40 10.25 25.25
N ASP B 245 -6.66 10.64 25.20
CA ASP B 245 -7.52 10.43 26.36
C ASP B 245 -8.78 9.77 25.95
N SER B 246 -8.62 8.47 25.70
CA SER B 246 -9.66 7.59 25.22
C SER B 246 -9.79 6.50 26.28
N GLY B 247 -10.42 5.38 25.94
CA GLY B 247 -10.78 4.37 26.91
C GLY B 247 -11.54 4.97 28.08
N ASP B 248 -12.64 5.66 27.75
CA ASP B 248 -13.49 6.32 28.74
C ASP B 248 -12.82 7.42 29.65
N VAL B 249 -11.80 8.13 29.18
CA VAL B 249 -11.25 9.30 29.95
C VAL B 249 -12.26 10.47 30.12
N ALA B 250 -13.02 10.78 29.07
CA ALA B 250 -14.21 11.63 29.15
C ALA B 250 -15.46 10.74 28.99
N ALA B 251 -15.66 10.16 27.80
CA ALA B 251 -16.85 9.35 27.46
C ALA B 251 -16.68 8.44 26.23
N LEU B 252 -17.71 7.66 26.02
CA LEU B 252 -17.86 6.70 24.91
C LEU B 252 -16.81 5.60 24.79
N ARG B 253 -17.24 4.39 25.11
CA ARG B 253 -16.35 3.23 25.18
C ARG B 253 -16.24 2.45 23.85
N GLY B 254 -17.07 2.77 22.85
CA GLY B 254 -17.27 1.84 21.71
C GLY B 254 -16.27 1.98 20.55
N SER B 255 -15.59 3.11 20.46
CA SER B 255 -15.02 3.56 19.20
C SER B 255 -13.73 2.91 18.86
N ARG B 256 -13.26 3.07 17.63
CA ARG B 256 -11.95 2.62 17.21
C ARG B 256 -10.89 3.47 17.86
N LYS B 257 -9.71 2.91 17.97
CA LYS B 257 -8.58 3.61 18.50
C LYS B 257 -7.42 3.51 17.48
N PHE B 258 -6.65 4.57 17.32
CA PHE B 258 -5.55 4.58 16.38
C PHE B 258 -4.26 5.01 17.05
N ASN B 259 -3.15 4.80 16.34
CA ASN B 259 -1.85 5.39 16.69
C ASN B 259 -1.26 6.13 15.51
N ILE B 260 -0.39 7.08 15.81
CA ILE B 260 0.32 7.88 14.84
C ILE B 260 1.65 7.23 14.60
N LEU B 261 1.94 6.89 13.36
CA LEU B 261 3.27 6.36 13.08
C LEU B 261 4.06 7.40 12.37
N GLY B 262 5.34 7.07 12.23
CA GLY B 262 6.30 7.98 11.72
C GLY B 262 6.86 8.72 12.90
N THR B 263 7.31 9.91 12.63
CA THR B 263 8.12 10.55 13.61
C THR B 263 7.27 11.55 14.40
N ASN B 264 7.00 11.16 15.63
CA ASN B 264 5.98 11.80 16.41
C ASN B 264 6.45 12.85 17.35
N THR B 265 7.71 13.20 17.37
CA THR B 265 8.06 14.38 18.06
C THR B 265 8.85 15.22 17.13
N LYS B 266 8.82 16.53 17.34
CA LYS B 266 9.59 17.38 16.50
C LYS B 266 9.94 18.69 17.10
N VAL B 267 11.10 19.21 16.74
CA VAL B 267 11.62 20.41 17.42
C VAL B 267 11.06 21.70 16.83
N MET B 268 10.73 22.61 17.71
CA MET B 268 10.13 23.88 17.36
C MET B 268 11.22 24.86 17.04
N ASN B 269 11.19 25.47 15.88
CA ASN B 269 12.20 26.47 15.57
C ASN B 269 11.62 27.67 14.82
N MET B 270 12.46 28.64 14.54
CA MET B 270 12.10 29.80 13.72
C MET B 270 12.38 29.66 12.21
N GLU B 271 12.81 28.49 11.80
CA GLU B 271 13.32 28.19 10.46
C GLU B 271 12.39 28.44 9.28
N GLU B 272 13.00 28.66 8.12
CA GLU B 272 12.37 29.09 6.83
C GLU B 272 12.16 30.63 6.77
N SER B 273 12.26 31.29 7.93
CA SER B 273 12.25 32.72 8.06
C SER B 273 10.98 33.33 7.48
N ASN B 274 9.83 32.75 7.82
CA ASN B 274 8.53 33.26 7.34
C ASN B 274 8.44 34.67 7.87
N ASN B 275 8.55 34.76 9.17
CA ASN B 275 8.86 36.04 9.84
C ASN B 275 9.59 35.77 11.17
N GLY B 276 10.15 34.57 11.33
CA GLY B 276 10.82 34.22 12.58
C GLY B 276 9.94 33.57 13.60
N SER B 277 8.73 33.20 13.19
CA SER B 277 7.74 32.64 14.12
C SER B 277 8.21 31.31 14.68
N LEU B 278 7.96 31.00 15.94
CA LEU B 278 8.25 29.65 16.49
C LEU B 278 7.21 28.65 16.07
N SER B 279 7.61 27.59 15.40
CA SER B 279 6.66 26.59 14.95
C SER B 279 7.31 25.27 14.81
N ALA B 280 6.51 24.27 14.54
CA ALA B 280 6.95 22.92 14.40
C ALA B 280 5.96 22.33 13.45
N GLU B 281 6.49 21.82 12.37
CA GLU B 281 5.65 21.19 11.40
C GLU B 281 5.94 19.72 11.30
N PHE B 282 4.88 18.90 11.35
CA PHE B 282 4.96 17.45 11.27
C PHE B 282 4.65 17.06 9.87
N LYS B 283 5.58 16.45 9.17
CA LYS B 283 5.18 15.80 7.95
C LYS B 283 5.29 14.28 8.03
N HIS B 284 4.80 13.67 6.98
CA HIS B 284 4.89 12.25 6.82
C HIS B 284 4.25 11.45 7.96
N LEU B 285 3.33 11.96 8.75
CA LEU B 285 2.68 11.12 9.77
C LEU B 285 1.65 10.18 9.15
N THR B 286 1.50 8.96 9.67
CA THR B 286 0.40 8.08 9.23
C THR B 286 -0.38 7.60 10.37
N LEU B 287 -1.59 7.20 10.09
CA LEU B 287 -2.45 6.63 11.15
C LEU B 287 -2.63 5.08 10.98
N ARG B 288 -2.52 4.31 12.05
CA ARG B 288 -2.78 2.85 11.99
C ARG B 288 -3.77 2.46 13.00
N GLU B 289 -4.70 1.58 12.64
CA GLU B 289 -5.74 1.22 13.60
C GLU B 289 -5.12 0.39 14.68
N GLN B 290 -5.48 0.60 15.92
CA GLN B 290 -5.02 -0.30 16.97
C GLN B 290 -6.14 -1.31 17.18
N ARG B 291 -5.94 -2.63 17.14
CA ARG B 291 -7.12 -3.53 17.05
C ARG B 291 -7.39 -4.56 18.16
N ALA B 302 -24.42 -0.24 19.09
CA ALA B 302 -24.49 1.21 19.25
C ALA B 302 -23.27 1.98 18.57
N SER B 303 -22.69 2.94 19.28
CA SER B 303 -21.72 3.85 18.76
C SER B 303 -22.21 4.50 17.46
N LEU B 304 -21.33 4.60 16.49
CA LEU B 304 -21.45 5.54 15.38
C LEU B 304 -20.73 4.89 14.24
N ILE B 305 -21.18 5.16 13.01
CA ILE B 305 -20.48 4.66 11.81
C ILE B 305 -19.14 5.39 11.69
N VAL B 306 -18.15 4.77 11.08
CA VAL B 306 -16.82 5.35 11.08
C VAL B 306 -16.73 6.81 10.58
N THR B 307 -17.56 7.09 9.60
CA THR B 307 -17.67 8.35 9.00
C THR B 307 -18.07 9.42 9.95
N GLU B 308 -18.80 9.13 10.99
CA GLU B 308 -19.20 10.18 11.93
C GLU B 308 -18.44 10.14 13.24
N GLU B 309 -17.53 9.17 13.36
CA GLU B 309 -16.79 8.97 14.60
C GLU B 309 -15.69 10.02 14.63
N LEU B 310 -15.35 10.58 15.76
CA LEU B 310 -14.37 11.64 15.74
C LEU B 310 -13.18 11.47 16.69
N HIS B 311 -11.99 11.88 16.26
CA HIS B 311 -10.82 11.73 17.08
C HIS B 311 -10.12 13.03 17.20
N LEU B 312 -9.28 13.11 18.21
CA LEU B 312 -8.48 14.30 18.38
C LEU B 312 -6.95 14.00 18.30
N ILE B 313 -6.24 14.85 17.54
CA ILE B 313 -4.79 14.82 17.52
C ILE B 313 -4.35 15.91 18.47
N THR B 314 -3.52 15.61 19.44
CA THR B 314 -3.12 16.48 20.52
C THR B 314 -1.65 16.75 20.44
N PHE B 315 -1.19 17.96 20.75
CA PHE B 315 0.22 18.26 20.77
C PHE B 315 0.64 18.70 22.13
N GLU B 316 1.81 18.31 22.61
CA GLU B 316 2.23 18.71 23.94
C GLU B 316 3.64 19.14 24.00
N THR B 317 3.99 19.93 25.00
CA THR B 317 5.37 20.26 25.33
C THR B 317 5.50 20.92 26.70
N GLU B 318 6.71 21.18 27.14
CA GLU B 318 6.94 21.82 28.40
C GLU B 318 8.01 22.89 28.15
N VAL B 319 7.85 24.06 28.70
CA VAL B 319 8.83 25.17 28.59
C VAL B 319 9.38 25.46 29.93
N TYR B 320 10.67 25.60 30.01
CA TYR B 320 11.22 26.06 31.23
C TYR B 320 11.81 27.44 30.93
N HIS B 321 11.28 28.49 31.56
CA HIS B 321 11.70 29.86 31.20
C HIS B 321 11.72 30.75 32.43
N GLN B 322 12.91 31.27 32.72
CA GLN B 322 13.12 32.19 33.83
C GLN B 322 12.45 31.74 35.12
N GLY B 323 12.78 30.56 35.61
CA GLY B 323 12.31 30.11 36.93
C GLY B 323 11.04 29.27 36.92
N LEU B 324 10.31 29.32 35.80
CA LEU B 324 9.00 28.67 35.66
C LEU B 324 9.00 27.46 34.74
N LYS B 325 8.17 26.47 35.09
CA LYS B 325 7.91 25.35 34.23
C LYS B 325 6.49 25.45 33.75
N ILE B 326 6.25 25.56 32.46
CA ILE B 326 4.90 25.67 31.99
C ILE B 326 4.59 24.60 30.98
N ASP B 327 3.50 23.87 31.19
CA ASP B 327 3.08 22.80 30.29
C ASP B 327 2.18 23.35 29.24
N LEU B 328 2.45 23.06 27.99
CA LEU B 328 1.61 23.57 26.97
C LEU B 328 0.94 22.39 26.31
N GLU B 329 -0.25 22.62 25.86
CA GLU B 329 -1.04 21.57 25.26
C GLU B 329 -2.00 22.16 24.27
N THR B 330 -2.27 21.49 23.17
CA THR B 330 -3.33 21.94 22.29
C THR B 330 -3.73 20.74 21.51
N HIS B 331 -4.76 20.85 20.70
CA HIS B 331 -5.26 19.73 19.95
C HIS B 331 -5.89 20.20 18.68
N SER B 332 -6.30 19.31 17.83
CA SER B 332 -6.68 19.65 16.49
C SER B 332 -8.15 19.82 16.58
N LEU B 333 -8.76 20.17 15.47
CA LEU B 333 -10.21 20.07 15.38
C LEU B 333 -10.60 18.60 15.21
N PRO B 334 -11.86 18.23 15.46
CA PRO B 334 -12.15 16.83 15.27
C PRO B 334 -11.85 16.29 13.87
N VAL B 335 -11.30 15.09 13.80
CA VAL B 335 -10.93 14.49 12.55
C VAL B 335 -11.71 13.23 12.46
N VAL B 336 -12.01 12.86 11.22
CA VAL B 336 -12.61 11.57 10.91
C VAL B 336 -11.55 10.72 10.27
N VAL B 337 -11.36 9.51 10.75
CA VAL B 337 -10.44 8.57 10.16
C VAL B 337 -11.15 7.54 9.26
N ILE B 338 -10.67 7.35 8.05
CA ILE B 338 -11.27 6.42 7.13
C ILE B 338 -10.21 5.43 6.74
N SER B 339 -10.55 4.44 5.95
CA SER B 339 -9.57 3.46 5.57
C SER B 339 -9.50 3.24 4.08
N ASN B 340 -10.55 3.61 3.36
CA ASN B 340 -10.56 3.59 1.92
C ASN B 340 -10.99 4.96 1.48
N ILE B 341 -10.62 5.38 0.29
CA ILE B 341 -10.90 6.76 -0.09
C ILE B 341 -12.31 6.89 -0.60
N CYS B 342 -12.99 5.78 -0.82
CA CYS B 342 -14.35 5.85 -1.26
C CYS B 342 -15.21 6.23 -0.08
N GLN B 343 -14.70 6.12 1.13
CA GLN B 343 -15.36 6.69 2.32
C GLN B 343 -15.28 8.22 2.47
N MET B 344 -14.48 8.93 1.67
CA MET B 344 -14.29 10.34 1.97
C MET B 344 -15.52 11.25 1.76
N PRO B 345 -16.27 11.03 0.68
CA PRO B 345 -17.38 11.94 0.56
C PRO B 345 -18.38 11.93 1.73
N ASN B 346 -18.67 10.81 2.41
CA ASN B 346 -19.45 10.90 3.63
C ASN B 346 -18.66 11.48 4.78
N ALA B 347 -17.41 11.09 4.90
CA ALA B 347 -16.53 11.77 5.89
C ALA B 347 -16.43 13.33 5.81
N TRP B 348 -16.41 13.84 4.59
CA TRP B 348 -16.32 15.25 4.41
C TRP B 348 -17.60 15.89 4.81
N ALA B 349 -18.71 15.28 4.46
CA ALA B 349 -19.93 15.89 4.93
C ALA B 349 -19.91 16.07 6.41
N SER B 350 -19.35 15.13 7.13
CA SER B 350 -19.36 15.19 8.57
C SER B 350 -18.53 16.32 9.03
N ILE B 351 -17.50 16.66 8.28
CA ILE B 351 -16.65 17.76 8.65
C ILE B 351 -17.33 19.08 8.36
N LEU B 352 -18.10 19.07 7.26
CA LEU B 352 -18.84 20.24 6.86
C LEU B 352 -19.82 20.56 7.88
N TRP B 353 -20.59 19.56 8.28
CA TRP B 353 -21.72 19.75 9.18
C TRP B 353 -21.21 20.21 10.54
N TYR B 354 -20.15 19.57 11.02
CA TYR B 354 -19.63 19.90 12.32
C TYR B 354 -19.17 21.32 12.36
N ASN B 355 -18.42 21.74 11.35
CA ASN B 355 -17.72 23.03 11.43
C ASN B 355 -18.61 24.10 11.00
N MET B 356 -19.56 23.82 10.12
CA MET B 356 -20.71 24.70 9.96
C MET B 356 -21.50 25.07 11.23
N LEU B 357 -21.74 24.15 12.14
CA LEU B 357 -22.63 24.37 13.26
C LEU B 357 -22.08 24.30 14.69
N THR B 358 -20.82 24.33 14.99
CA THR B 358 -20.42 24.43 16.40
C THR B 358 -19.15 25.18 16.43
N ASN B 359 -18.85 25.72 17.57
CA ASN B 359 -17.62 26.44 17.74
C ASN B 359 -16.78 25.76 18.80
N ASN B 360 -17.27 24.61 19.24
CA ASN B 360 -16.66 23.75 20.24
C ASN B 360 -15.52 23.01 19.55
N PRO B 361 -14.29 23.11 20.09
CA PRO B 361 -13.14 22.49 19.46
C PRO B 361 -13.04 20.99 19.67
N LYS B 362 -13.73 20.42 20.66
CA LYS B 362 -13.46 19.06 21.04
C LYS B 362 -14.67 18.19 21.24
N ASN B 363 -15.75 18.43 20.50
CA ASN B 363 -16.96 17.62 20.70
C ASN B 363 -16.99 16.36 19.86
N VAL B 364 -16.50 15.26 20.39
CA VAL B 364 -16.41 14.05 19.59
C VAL B 364 -17.75 13.30 19.54
N ASN B 365 -18.64 13.61 20.47
CA ASN B 365 -19.96 13.00 20.47
C ASN B 365 -21.05 13.74 19.75
N PHE B 366 -20.60 14.66 18.93
CA PHE B 366 -21.42 15.51 18.12
C PHE B 366 -22.42 14.77 17.29
N PHE B 367 -22.00 13.64 16.75
CA PHE B 367 -22.84 12.94 15.79
C PHE B 367 -23.85 11.94 16.36
N THR B 368 -23.85 11.77 17.68
CA THR B 368 -24.94 11.11 18.42
C THR B 368 -26.25 11.90 18.33
N LYS B 369 -26.18 13.23 18.34
CA LYS B 369 -27.31 14.15 18.48
C LYS B 369 -27.08 15.36 17.53
N PRO B 370 -26.81 15.11 16.27
CA PRO B 370 -26.31 16.22 15.45
C PRO B 370 -27.25 17.43 15.24
N PRO B 371 -26.83 18.63 15.61
CA PRO B 371 -27.49 19.88 15.26
C PRO B 371 -28.21 19.95 13.92
N ILE B 372 -29.08 20.94 13.84
CA ILE B 372 -29.98 21.08 12.73
C ILE B 372 -29.65 22.44 12.11
N GLY B 373 -29.46 22.42 10.80
CA GLY B 373 -28.81 23.52 10.09
C GLY B 373 -29.76 24.27 9.17
N THR B 374 -29.82 25.60 9.28
CA THR B 374 -30.71 26.40 8.44
C THR B 374 -30.24 26.38 6.99
N TRP B 375 -31.16 26.54 6.05
CA TRP B 375 -30.81 26.65 4.64
C TRP B 375 -29.78 27.73 4.32
N ASP B 376 -29.86 28.89 4.99
CA ASP B 376 -28.80 29.91 4.87
C ASP B 376 -27.41 29.31 5.07
N GLN B 377 -27.17 28.78 6.28
CA GLN B 377 -25.90 28.17 6.66
C GLN B 377 -25.44 27.19 5.52
N VAL B 378 -26.33 26.29 5.13
CA VAL B 378 -26.00 25.20 4.22
C VAL B 378 -25.65 25.70 2.86
N ALA B 379 -26.41 26.65 2.38
CA ALA B 379 -26.23 27.13 1.02
C ALA B 379 -24.90 27.87 0.82
N GLU B 380 -24.48 28.59 1.85
CA GLU B 380 -23.19 29.28 1.82
C GLU B 380 -22.12 28.22 1.61
N VAL B 381 -22.13 27.26 2.53
CA VAL B 381 -21.20 26.16 2.59
C VAL B 381 -21.27 25.35 1.33
N LEU B 382 -22.45 25.16 0.77
CA LEU B 382 -22.52 24.42 -0.50
C LEU B 382 -21.73 25.08 -1.64
N SER B 383 -21.81 26.41 -1.69
CA SER B 383 -21.22 27.20 -2.79
C SER B 383 -19.68 27.12 -2.75
N TRP B 384 -19.19 27.34 -1.53
CA TRP B 384 -17.77 27.19 -1.13
C TRP B 384 -17.12 25.94 -1.64
N GLN B 385 -17.87 24.87 -1.78
CA GLN B 385 -17.30 23.63 -2.20
C GLN B 385 -16.93 23.78 -3.64
N PHE B 386 -17.78 24.42 -4.41
CA PHE B 386 -17.44 24.69 -5.79
C PHE B 386 -16.50 25.88 -5.81
N SER B 387 -16.85 26.90 -5.05
CA SER B 387 -16.10 28.14 -5.00
C SER B 387 -14.71 27.99 -4.38
N SER B 388 -14.24 26.82 -4.04
CA SER B 388 -12.87 26.65 -3.62
C SER B 388 -12.21 25.49 -4.32
N THR B 389 -12.96 24.55 -4.86
CA THR B 389 -12.36 23.63 -5.81
C THR B 389 -12.17 24.37 -7.17
N THR B 390 -12.99 25.39 -7.44
CA THR B 390 -12.94 26.22 -8.68
C THR B 390 -13.20 27.70 -8.33
N LYS B 391 -13.33 28.52 -9.35
CA LYS B 391 -13.31 29.98 -9.27
C LYS B 391 -14.61 30.72 -8.85
N ARG B 392 -15.81 30.22 -9.22
CA ARG B 392 -17.15 30.81 -8.88
C ARG B 392 -17.97 29.75 -8.19
N GLY B 393 -18.85 30.20 -7.29
CA GLY B 393 -19.70 29.31 -6.55
C GLY B 393 -20.95 28.88 -7.30
N LEU B 394 -22.09 29.15 -6.68
CA LEU B 394 -23.34 28.88 -7.28
C LEU B 394 -24.13 30.12 -7.15
N SER B 395 -24.82 30.43 -8.23
CA SER B 395 -25.70 31.58 -8.30
C SER B 395 -26.97 31.25 -7.59
N ILE B 396 -27.40 32.13 -6.70
CA ILE B 396 -28.62 31.97 -5.91
C ILE B 396 -29.80 31.29 -6.62
N GLU B 397 -30.09 31.72 -7.82
CA GLU B 397 -31.16 31.10 -8.62
C GLU B 397 -30.79 29.62 -8.87
N GLN B 398 -29.58 29.37 -9.38
CA GLN B 398 -29.13 27.99 -9.69
C GLN B 398 -28.97 27.12 -8.43
N LEU B 399 -28.61 27.74 -7.32
CA LEU B 399 -28.48 27.00 -6.08
C LEU B 399 -29.86 26.69 -5.60
N THR B 400 -30.79 27.61 -5.81
CA THR B 400 -32.13 27.42 -5.34
C THR B 400 -32.81 26.23 -6.00
N THR B 401 -32.41 25.85 -7.21
CA THR B 401 -32.85 24.56 -7.72
C THR B 401 -32.63 23.41 -6.71
N LEU B 402 -31.45 23.36 -6.13
CA LEU B 402 -31.09 22.38 -5.11
C LEU B 402 -31.95 22.57 -3.88
N ALA B 403 -32.33 23.81 -3.59
CA ALA B 403 -33.19 24.09 -2.44
C ALA B 403 -34.53 23.32 -2.50
N GLU B 404 -35.15 23.29 -3.68
CA GLU B 404 -36.39 22.52 -3.89
C GLU B 404 -36.14 21.02 -3.66
N LYS B 405 -35.00 20.53 -4.12
CA LYS B 405 -34.61 19.14 -3.93
C LYS B 405 -34.55 18.71 -2.46
N LEU B 406 -34.04 19.56 -1.57
CA LEU B 406 -34.12 19.26 -0.14
C LEU B 406 -35.50 19.24 0.46
N LEU B 407 -36.37 20.16 0.05
CA LEU B 407 -37.73 20.23 0.64
C LEU B 407 -38.85 20.15 -0.43
N GLY B 408 -39.61 21.22 -0.62
CA GLY B 408 -40.61 21.32 -1.66
C GLY B 408 -41.06 22.78 -1.69
N PRO B 409 -41.38 23.33 -2.89
CA PRO B 409 -41.76 24.73 -3.12
C PRO B 409 -42.66 25.38 -2.07
N TYR B 413 -37.31 29.06 2.25
CA TYR B 413 -36.01 29.07 1.63
C TYR B 413 -35.02 30.04 2.31
N SER B 414 -35.05 30.13 3.64
CA SER B 414 -34.10 31.01 4.40
C SER B 414 -34.07 30.53 5.83
N GLY B 415 -35.26 30.38 6.43
CA GLY B 415 -35.43 29.77 7.74
C GLY B 415 -35.57 28.26 7.75
N CYS B 416 -35.74 27.66 6.56
CA CYS B 416 -35.88 26.22 6.44
C CYS B 416 -34.78 25.48 7.17
N GLN B 417 -35.16 24.44 7.86
CA GLN B 417 -34.22 23.63 8.62
C GLN B 417 -33.84 22.41 7.84
N ILE B 418 -32.54 22.13 7.86
CA ILE B 418 -32.02 20.96 7.23
C ILE B 418 -31.49 20.15 8.38
N THR B 419 -31.68 18.84 8.27
CA THR B 419 -31.31 17.88 9.30
C THR B 419 -30.19 17.09 8.71
N TRP B 420 -29.34 16.57 9.57
CA TRP B 420 -28.23 15.72 9.11
C TRP B 420 -28.69 14.54 8.24
N ALA B 421 -29.87 14.00 8.56
CA ALA B 421 -30.44 12.90 7.82
C ALA B 421 -30.90 13.31 6.42
N LYS B 422 -31.49 14.51 6.34
CA LYS B 422 -31.93 15.02 5.04
C LYS B 422 -30.72 15.22 4.13
N PHE B 423 -29.66 15.73 4.74
CA PHE B 423 -28.46 16.14 4.06
C PHE B 423 -27.58 14.96 3.67
N CYS B 424 -27.18 14.15 4.64
CA CYS B 424 -26.24 13.11 4.36
C CYS B 424 -26.64 11.75 4.86
N LYS B 425 -27.26 11.62 6.02
CA LYS B 425 -27.34 10.29 6.65
C LYS B 425 -28.20 9.33 5.91
N GLU B 426 -29.32 9.78 5.36
CA GLU B 426 -30.21 8.88 4.64
C GLU B 426 -30.32 9.31 3.19
N ASN B 427 -30.79 8.41 2.32
CA ASN B 427 -30.94 8.71 0.92
C ASN B 427 -32.03 9.74 0.70
N MET B 428 -32.04 10.37 -0.45
CA MET B 428 -33.12 11.32 -0.76
C MET B 428 -34.25 10.71 -1.59
N ALA B 429 -35.47 10.66 -1.05
CA ALA B 429 -36.69 10.47 -1.84
C ALA B 429 -36.64 9.41 -2.96
N GLY B 430 -36.36 8.19 -2.54
CA GLY B 430 -36.45 7.06 -3.46
C GLY B 430 -35.25 6.82 -4.36
N LYS B 431 -34.28 7.72 -4.38
CA LYS B 431 -33.04 7.43 -5.09
C LYS B 431 -32.25 6.48 -4.16
N GLY B 432 -31.35 5.67 -4.72
CA GLY B 432 -30.42 4.90 -3.90
C GLY B 432 -29.29 5.64 -3.18
N PHE B 433 -29.30 6.97 -3.07
CA PHE B 433 -28.12 7.70 -2.53
C PHE B 433 -28.50 8.97 -1.87
N SER B 434 -27.53 9.57 -1.15
CA SER B 434 -27.60 10.88 -0.39
C SER B 434 -27.66 12.15 -1.22
N PHE B 435 -28.27 13.19 -0.65
CA PHE B 435 -28.17 14.50 -1.24
C PHE B 435 -26.73 14.96 -1.37
N TRP B 436 -25.96 14.90 -0.30
CA TRP B 436 -24.58 15.31 -0.34
C TRP B 436 -23.69 14.36 -1.17
N VAL B 437 -23.95 13.06 -1.14
CA VAL B 437 -23.07 12.17 -1.90
C VAL B 437 -23.21 12.47 -3.35
N TRP B 438 -24.45 12.62 -3.79
CA TRP B 438 -24.70 12.95 -5.18
C TRP B 438 -24.05 14.28 -5.53
N LEU B 439 -24.17 15.26 -4.65
CA LEU B 439 -23.66 16.58 -4.93
C LEU B 439 -22.14 16.59 -5.08
N ASP B 440 -21.49 15.92 -4.14
CA ASP B 440 -20.03 15.88 -4.08
C ASP B 440 -19.49 15.31 -5.35
N ASN B 441 -20.18 14.32 -5.89
CA ASN B 441 -19.73 13.70 -7.12
C ASN B 441 -19.76 14.67 -8.30
N ILE B 442 -20.75 15.51 -8.36
CA ILE B 442 -20.73 16.53 -9.36
C ILE B 442 -19.48 17.43 -9.16
N ILE B 443 -19.30 17.86 -7.92
CA ILE B 443 -18.17 18.68 -7.52
C ILE B 443 -16.90 18.00 -7.87
N ASP B 444 -16.90 16.71 -8.09
CA ASP B 444 -15.74 16.02 -8.60
C ASP B 444 -15.76 16.06 -10.09
N LEU B 445 -16.91 15.95 -10.71
CA LEU B 445 -16.96 15.97 -12.15
C LEU B 445 -16.45 17.28 -12.69
N VAL B 446 -16.78 18.38 -12.04
CA VAL B 446 -16.24 19.66 -12.47
C VAL B 446 -14.72 19.67 -12.50
N LYS B 447 -14.10 19.10 -11.47
CA LYS B 447 -12.64 19.08 -11.34
C LYS B 447 -11.97 18.15 -12.30
N LYS B 448 -12.50 16.97 -12.46
CA LYS B 448 -11.81 16.03 -13.30
C LYS B 448 -11.97 16.34 -14.81
N TYR B 449 -13.15 16.78 -15.27
CA TYR B 449 -13.38 16.91 -16.75
C TYR B 449 -13.76 18.28 -17.29
N ILE B 450 -14.28 19.19 -16.47
CA ILE B 450 -14.86 20.42 -17.03
C ILE B 450 -14.66 21.74 -16.25
N LEU B 451 -13.49 21.92 -15.64
CA LEU B 451 -13.31 23.04 -14.69
C LEU B 451 -13.53 24.42 -15.37
N ALA B 452 -12.90 24.59 -16.51
CA ALA B 452 -12.96 25.85 -17.25
C ALA B 452 -14.38 26.09 -17.69
N LEU B 453 -14.99 25.00 -18.18
CA LEU B 453 -16.28 24.99 -18.85
C LEU B 453 -17.26 25.34 -17.74
N TRP B 454 -17.01 24.80 -16.54
CA TRP B 454 -17.90 25.00 -15.42
C TRP B 454 -18.14 26.46 -15.00
N ASN B 455 -17.11 27.24 -14.76
CA ASN B 455 -17.36 28.61 -14.22
C ASN B 455 -17.20 29.74 -15.18
N GLU B 456 -17.05 29.46 -16.45
CA GLU B 456 -17.12 30.46 -17.49
C GLU B 456 -18.46 31.16 -17.37
N GLY B 457 -19.34 30.57 -16.55
CA GLY B 457 -20.72 30.95 -16.39
C GLY B 457 -21.53 30.04 -17.29
N TYR B 458 -20.84 29.10 -17.93
CA TYR B 458 -21.42 28.40 -19.03
C TYR B 458 -22.43 27.44 -18.53
N ILE B 459 -22.30 26.93 -17.32
CA ILE B 459 -23.26 25.94 -16.86
C ILE B 459 -24.30 26.53 -15.92
N MET B 460 -25.55 26.20 -16.22
CA MET B 460 -26.65 26.49 -15.36
C MET B 460 -26.61 25.32 -14.43
N GLY B 461 -26.55 24.11 -15.02
CA GLY B 461 -26.31 22.86 -14.28
C GLY B 461 -27.39 22.32 -13.35
N PHE B 462 -27.97 23.20 -12.56
CA PHE B 462 -29.01 22.83 -11.64
C PHE B 462 -30.31 23.54 -11.96
N ILE B 463 -31.28 22.81 -12.49
CA ILE B 463 -32.56 23.43 -12.82
C ILE B 463 -33.65 22.40 -12.91
N SER B 464 -34.84 22.80 -12.45
CA SER B 464 -36.04 21.95 -12.41
C SER B 464 -36.63 21.91 -13.79
N LYS B 465 -37.27 20.81 -14.19
CA LYS B 465 -37.82 20.70 -15.55
C LYS B 465 -38.93 21.72 -15.83
N GLU B 466 -39.71 22.03 -14.79
CA GLU B 466 -40.80 23.01 -14.88
C GLU B 466 -40.23 24.32 -15.34
N ARG B 467 -39.12 24.74 -14.72
CA ARG B 467 -38.39 25.95 -15.12
C ARG B 467 -37.33 25.72 -16.21
N GLU B 468 -36.93 24.47 -16.44
CA GLU B 468 -36.13 24.13 -17.62
C GLU B 468 -36.99 24.34 -18.84
N ARG B 469 -38.27 24.01 -18.75
CA ARG B 469 -39.19 24.16 -19.87
C ARG B 469 -39.17 25.56 -20.48
N ALA B 470 -39.02 26.60 -19.67
CA ALA B 470 -38.97 28.01 -20.15
C ALA B 470 -37.60 28.41 -20.79
N ILE B 471 -37.24 27.71 -21.86
CA ILE B 471 -36.14 28.08 -22.74
C ILE B 471 -36.74 28.17 -24.15
N LEU B 472 -37.26 27.04 -24.67
CA LEU B 472 -37.89 27.01 -25.99
C LEU B 472 -39.15 27.80 -26.09
N SER B 473 -39.84 27.93 -24.95
CA SER B 473 -40.97 28.84 -24.80
C SER B 473 -40.59 30.23 -25.22
N THR B 474 -39.43 30.68 -24.71
CA THR B 474 -38.94 32.06 -24.90
C THR B 474 -37.91 32.19 -26.03
N LYS B 475 -37.30 31.08 -26.48
CA LYS B 475 -36.14 31.17 -27.38
C LYS B 475 -36.30 30.32 -28.65
N PRO B 476 -35.44 30.54 -29.68
CA PRO B 476 -35.56 29.82 -30.97
C PRO B 476 -34.91 28.43 -30.96
N PRO B 477 -35.47 27.47 -31.73
CA PRO B 477 -34.95 26.09 -31.80
C PRO B 477 -33.44 25.99 -31.97
N GLY B 478 -32.78 25.18 -31.13
CA GLY B 478 -31.32 25.08 -31.01
C GLY B 478 -30.77 25.86 -29.83
N THR B 479 -31.63 26.44 -28.99
CA THR B 479 -31.18 27.10 -27.77
C THR B 479 -31.03 25.95 -26.76
N PHE B 480 -29.85 25.87 -26.13
CA PHE B 480 -29.50 24.81 -25.19
C PHE B 480 -29.09 25.31 -23.82
N LEU B 481 -29.10 24.31 -22.92
CA LEU B 481 -28.74 24.41 -21.52
C LEU B 481 -27.76 23.28 -21.18
N LEU B 482 -26.89 23.52 -20.20
CA LEU B 482 -25.94 22.54 -19.67
C LEU B 482 -26.49 22.20 -18.29
N ARG B 483 -26.72 20.92 -18.03
CA ARG B 483 -27.38 20.48 -16.78
C ARG B 483 -26.81 19.20 -16.26
N PHE B 484 -26.86 19.07 -14.95
CA PHE B 484 -26.45 17.85 -14.29
C PHE B 484 -27.55 16.81 -14.08
N SER B 485 -27.16 15.54 -14.21
CA SER B 485 -28.10 14.41 -14.00
C SER B 485 -28.47 14.21 -12.53
N GLU B 486 -29.73 13.85 -12.27
CA GLU B 486 -30.21 13.53 -10.92
C GLU B 486 -30.39 12.02 -10.74
N SER B 487 -30.48 11.32 -11.87
CA SER B 487 -30.78 9.90 -11.96
C SER B 487 -29.56 9.06 -11.81
N SER B 488 -28.55 9.59 -11.15
CA SER B 488 -27.31 8.90 -11.17
C SER B 488 -26.49 9.18 -9.94
N LYS B 489 -25.81 8.13 -9.51
CA LYS B 489 -24.80 8.24 -8.51
C LYS B 489 -23.55 8.66 -9.29
N GLU B 490 -22.50 9.08 -8.62
CA GLU B 490 -21.40 9.76 -9.29
C GLU B 490 -22.05 10.93 -10.13
N GLY B 491 -21.77 11.01 -11.42
CA GLY B 491 -22.34 12.10 -12.17
C GLY B 491 -22.45 11.91 -13.66
N GLY B 492 -23.38 12.67 -14.18
CA GLY B 492 -23.59 12.78 -15.58
C GLY B 492 -23.94 14.19 -15.92
N VAL B 493 -23.74 14.51 -17.17
CA VAL B 493 -23.92 15.85 -17.65
C VAL B 493 -24.92 15.79 -18.79
N THR B 494 -25.69 16.86 -18.96
CA THR B 494 -26.77 16.83 -19.93
C THR B 494 -27.05 18.22 -20.58
N PHE B 495 -27.94 18.19 -21.59
CA PHE B 495 -28.17 19.30 -22.55
C PHE B 495 -29.59 19.31 -23.23
N THR B 496 -30.05 20.48 -23.66
CA THR B 496 -31.45 20.66 -24.20
C THR B 496 -31.52 21.11 -25.67
N TRP B 497 -32.21 20.38 -26.54
CA TRP B 497 -32.16 20.62 -28.00
C TRP B 497 -33.55 20.26 -28.59
N VAL B 498 -33.88 20.62 -29.82
CA VAL B 498 -35.34 20.55 -30.21
C VAL B 498 -35.80 20.05 -31.58
N GLU B 499 -36.87 19.27 -31.56
CA GLU B 499 -37.52 18.72 -32.75
C GLU B 499 -38.86 18.16 -32.27
N THR B 506 -42.16 22.48 -30.80
CA THR B 506 -41.01 21.59 -30.82
C THR B 506 -41.32 20.21 -30.11
N GLN B 507 -40.32 19.62 -29.41
CA GLN B 507 -40.44 18.63 -28.27
C GLN B 507 -39.05 18.48 -27.59
N ILE B 508 -38.93 19.06 -26.39
CA ILE B 508 -37.64 19.14 -25.66
C ILE B 508 -37.10 17.75 -25.47
N GLN B 509 -35.86 17.54 -25.88
CA GLN B 509 -35.21 16.24 -25.72
C GLN B 509 -33.83 16.37 -25.02
N SER B 510 -33.18 15.24 -24.76
CA SER B 510 -31.91 15.14 -23.97
C SER B 510 -31.34 13.74 -24.11
N VAL B 511 -30.10 13.47 -23.65
CA VAL B 511 -29.49 12.16 -23.91
C VAL B 511 -28.99 11.46 -22.63
N GLU B 512 -28.84 10.14 -22.75
CA GLU B 512 -28.31 9.28 -21.71
C GLU B 512 -27.00 9.87 -21.25
N PRO B 513 -26.93 10.28 -19.99
CA PRO B 513 -25.75 10.96 -19.48
C PRO B 513 -24.49 10.08 -19.62
N TYR B 514 -23.46 10.64 -20.21
CA TYR B 514 -22.23 9.86 -20.48
C TYR B 514 -21.56 9.76 -19.14
N THR B 515 -21.12 8.54 -18.81
CA THR B 515 -20.48 8.27 -17.52
C THR B 515 -19.03 8.74 -17.58
N LYS B 516 -18.36 8.79 -16.44
CA LYS B 516 -16.95 9.24 -16.43
C LYS B 516 -16.09 8.25 -17.18
N GLN B 517 -16.34 6.97 -16.95
CA GLN B 517 -15.61 5.91 -17.63
C GLN B 517 -15.71 6.12 -19.15
N GLN B 518 -16.76 6.83 -19.58
CA GLN B 518 -16.98 7.17 -20.96
C GLN B 518 -16.36 8.50 -21.25
N LEU B 519 -16.49 9.41 -20.27
CA LEU B 519 -16.05 10.77 -20.39
C LEU B 519 -14.54 11.00 -20.50
N ASN B 520 -13.73 9.98 -20.18
CA ASN B 520 -12.29 10.06 -20.34
C ASN B 520 -11.91 10.45 -21.74
N ASN B 521 -12.52 9.82 -22.73
CA ASN B 521 -12.12 10.00 -24.12
C ASN B 521 -12.44 11.37 -24.76
N MET B 522 -13.58 11.97 -24.51
CA MET B 522 -13.94 13.23 -25.19
C MET B 522 -14.45 14.20 -24.21
N SER B 523 -14.09 15.44 -24.38
CA SER B 523 -14.63 16.45 -23.47
C SER B 523 -16.10 16.71 -23.78
N PHE B 524 -16.81 17.14 -22.75
CA PHE B 524 -18.19 17.56 -22.86
C PHE B 524 -18.36 18.71 -23.86
N ALA B 525 -17.50 19.74 -23.81
CA ALA B 525 -17.49 20.81 -24.85
C ALA B 525 -17.24 20.23 -26.24
N GLU B 526 -16.30 19.25 -26.33
CA GLU B 526 -15.94 18.59 -27.58
C GLU B 526 -17.14 17.81 -28.05
N ILE B 527 -17.79 17.10 -27.13
CA ILE B 527 -18.98 16.32 -27.49
C ILE B 527 -20.20 17.20 -27.81
N ILE B 528 -20.39 18.28 -27.06
CA ILE B 528 -21.42 19.29 -27.37
C ILE B 528 -21.23 19.75 -28.81
N MET B 529 -20.04 20.26 -29.13
CA MET B 529 -19.74 20.76 -30.48
C MET B 529 -19.61 19.60 -31.46
N GLY B 530 -19.28 18.40 -30.97
CA GLY B 530 -19.25 17.19 -31.79
C GLY B 530 -20.60 16.57 -32.06
N TYR B 531 -21.60 16.90 -31.25
CA TYR B 531 -22.93 16.30 -31.29
C TYR B 531 -23.61 16.60 -32.62
N LYS B 532 -24.49 15.69 -33.05
CA LYS B 532 -25.35 15.83 -34.24
C LYS B 532 -26.47 14.76 -34.23
N ILE B 533 -27.60 14.98 -34.93
CA ILE B 533 -28.61 13.91 -35.14
C ILE B 533 -29.43 14.09 -36.42
N ILE B 539 -24.26 9.91 -42.46
CA ILE B 539 -24.79 9.35 -41.21
C ILE B 539 -26.15 10.01 -40.75
N LEU B 540 -26.75 10.91 -41.56
CA LEU B 540 -28.01 11.68 -41.27
C LEU B 540 -27.92 12.74 -40.07
N VAL B 541 -26.77 13.40 -39.95
CA VAL B 541 -26.46 14.32 -38.82
C VAL B 541 -26.87 15.83 -38.86
N SER B 542 -26.98 16.43 -37.64
CA SER B 542 -27.05 17.91 -37.22
C SER B 542 -27.49 18.15 -35.70
N PRO B 543 -27.03 19.24 -34.98
CA PRO B 543 -27.33 19.44 -33.50
C PRO B 543 -28.09 20.71 -32.95
N LEU B 544 -27.45 21.56 -32.09
CA LEU B 544 -28.01 22.72 -31.38
C LEU B 544 -27.20 23.99 -31.71
N VAL B 545 -27.71 25.19 -31.38
CA VAL B 545 -27.13 26.48 -31.83
C VAL B 545 -26.70 27.48 -30.75
N TYR B 546 -27.58 27.81 -29.79
CA TYR B 546 -27.30 28.90 -28.79
C TYR B 546 -27.26 28.46 -27.29
N LEU B 547 -26.16 28.74 -26.60
CA LEU B 547 -26.17 28.48 -25.17
C LEU B 547 -27.13 29.53 -24.71
N TYR B 548 -28.19 29.10 -24.03
CA TYR B 548 -29.16 30.01 -23.46
C TYR B 548 -28.40 31.13 -22.69
N PRO B 549 -28.63 32.42 -22.97
CA PRO B 549 -29.84 32.97 -23.62
C PRO B 549 -29.77 33.29 -25.14
N ASP B 550 -28.70 33.99 -25.56
CA ASP B 550 -28.52 34.48 -26.96
C ASP B 550 -27.15 34.14 -27.64
N ILE B 551 -26.23 33.45 -26.95
CA ILE B 551 -24.84 33.31 -27.44
C ILE B 551 -24.79 32.18 -28.47
N PRO B 552 -24.14 32.40 -29.62
CA PRO B 552 -23.98 31.27 -30.50
C PRO B 552 -23.08 30.14 -29.94
N LYS B 553 -23.06 29.04 -30.65
CA LYS B 553 -22.31 27.89 -30.16
C LYS B 553 -20.79 28.10 -30.14
N GLU B 554 -20.18 28.34 -31.29
CA GLU B 554 -18.72 28.18 -31.40
C GLU B 554 -17.89 29.23 -30.66
N GLU B 555 -18.45 30.39 -30.38
CA GLU B 555 -17.70 31.40 -29.62
C GLU B 555 -17.45 30.99 -28.13
N ALA B 556 -18.51 30.60 -27.43
CA ALA B 556 -18.39 30.08 -26.03
C ALA B 556 -17.65 28.71 -25.92
N PHE B 557 -17.99 27.78 -26.80
CA PHE B 557 -17.49 26.40 -26.73
C PHE B 557 -16.39 26.00 -27.67
N GLY B 558 -16.01 26.86 -28.61
CA GLY B 558 -14.88 26.60 -29.53
C GLY B 558 -13.47 26.71 -28.94
OH ALY B 559 -7.02 30.98 -21.65
CH ALY B 559 -7.87 30.22 -22.10
CH3 ALY B 559 -7.93 28.80 -21.57
NZ ALY B 559 -8.72 30.67 -23.06
CE ALY B 559 -9.73 29.78 -23.62
CD ALY B 559 -10.69 30.23 -24.70
CG ALY B 559 -11.08 28.88 -25.30
CB ALY B 559 -12.21 28.80 -26.28
CA ALY B 559 -12.00 27.65 -27.24
N ALY B 559 -13.28 27.58 -27.95
C ALY B 559 -11.58 26.37 -26.51
O ALY B 559 -10.38 26.10 -26.37
N TYR B 560 -12.55 25.60 -26.00
CA TYR B 560 -12.29 24.34 -25.24
C TYR B 560 -12.42 23.12 -26.16
N CYS B 561 -12.68 23.40 -27.43
CA CYS B 561 -12.67 22.39 -28.45
C CYS B 561 -11.24 22.17 -28.89
N ARG B 562 -10.99 21.07 -29.60
CA ARG B 562 -9.62 20.64 -29.96
C ARG B 562 -8.82 21.70 -30.77
N ALA B 577 1.16 3.68 -47.21
CA ALA B 577 0.36 4.70 -46.58
C ALA B 577 0.96 5.01 -45.23
N PRO B 578 0.20 5.76 -44.43
CA PRO B 578 0.43 5.98 -43.01
C PRO B 578 -0.85 5.78 -42.14
N PTR B 579 -1.54 4.64 -42.31
CA PTR B 579 -2.85 4.40 -41.63
C PTR B 579 -3.84 5.57 -41.80
O PTR B 579 -3.99 6.10 -42.90
CB PTR B 579 -2.70 4.05 -40.14
CG PTR B 579 -1.91 2.77 -39.63
CD1 PTR B 579 -1.06 2.94 -38.50
CD2 PTR B 579 -2.04 1.43 -40.12
CE1 PTR B 579 -0.32 1.80 -37.94
CE2 PTR B 579 -1.30 0.29 -39.56
CZ PTR B 579 -0.39 0.44 -38.44
OH PTR B 579 0.35 -0.71 -37.88
P PTR B 579 1.85 -0.52 -37.36
O1P PTR B 579 2.38 0.69 -38.10
O2P PTR B 579 2.49 -1.84 -37.75
O3P PTR B 579 1.63 -0.28 -35.90
N LEU B 580 -4.53 6.00 -40.73
CA LEU B 580 -5.75 6.83 -40.83
C LEU B 580 -6.18 7.36 -39.50
N LYS B 581 -6.17 8.67 -39.32
CA LYS B 581 -6.30 9.26 -37.98
C LYS B 581 -7.74 9.13 -37.52
N THR B 582 -7.97 8.74 -36.26
CA THR B 582 -9.33 8.35 -35.81
C THR B 582 -9.82 9.08 -34.57
N LYS B 583 -11.02 9.63 -34.66
CA LYS B 583 -11.63 10.44 -33.57
C LYS B 583 -13.11 10.23 -33.77
N PHE B 584 -13.93 10.13 -32.71
CA PHE B 584 -15.32 9.69 -32.91
C PHE B 584 -16.40 10.28 -32.07
N ILE B 585 -17.62 10.03 -32.54
CA ILE B 585 -18.85 10.36 -31.85
C ILE B 585 -19.93 9.34 -32.17
N CYS B 586 -20.62 8.90 -31.13
CA CYS B 586 -21.83 8.11 -31.28
C CYS B 586 -22.92 8.97 -31.85
N VAL B 587 -22.98 10.22 -31.33
CA VAL B 587 -24.08 11.21 -31.53
C VAL B 587 -25.50 10.54 -31.40
N THR B 588 -26.37 10.53 -32.42
CA THR B 588 -27.65 9.76 -32.32
C THR B 588 -27.55 8.33 -32.92
N PRO B 589 -28.61 7.50 -32.80
CA PRO B 589 -28.72 6.32 -33.67
C PRO B 589 -29.39 6.72 -34.97
#